data_9JME
#
_entry.id   9JME
#
loop_
_entity.id
_entity.type
_entity.pdbx_description
1 polymer '16F9 VH'
2 polymer '16F9 VL'
3 polymer 'Virion glycoprotein B'
#
loop_
_entity_poly.entity_id
_entity_poly.type
_entity_poly.pdbx_seq_one_letter_code
_entity_poly.pdbx_strand_id
1 'polypeptide(L)'
;MGRLTSSFLLLIVPAYVLSEVQLQQSGPELVKPGASVKISCKASGYTFADYTMHWVKQSHGKSLEWIGYINPYSLFIDSN
QKFKNKATLTVDNSSYTAYMELRSLTSEDSAVYYCARFPPYYGFDSHFDYWGQGTALTVSSAKTTPPSVYPLAPGCGDTT
GSSVTLGCLVKGYFPESVTVTWNSGSLSSSVHTFPALLQSGLYTMSSSVTVPSSTWPSQTVTCSVAHPASSTTVDKKLEP
SGPISTINPCPPCKECHKCPAPNLEGGPSVFIFPPNIKDVLMISLTPKVTCVVVDVSEDDPDVRISWFVNNVEVHTAQTQ
THREDYNSTIRVVSALPIQHQDWMSGKEFKCKVNNKDLPSPIERTISKIKGLVRAPQVYILPPPAEQLSRKDVSLTCLVV
GFNPGDISVEWTSNGHTEENYKDTAPVLDSDGSYFIYSKLDIKTSKWEKTDSFSCNVRHEGLKNYYLKKTISRSPGK
;
H
2 'polypeptide(L)'
;MGWSCIILFLVATATGVHSQIVLSQSPAILSASPGEKVTMTCRASSSVSYIYWYQQKPESSPKPWIYATSNLASGVPGRF
SGSGSGTSYSLTISRVEAEDAATYYCQQWSYNPYTFGGGTKLEIRRADAAPTVSIFPPSSEQLTSGGASVVCFLNNFYPK
DINVKWKIDGSERQNGVLNSWTDQDSKDSTYSMSSTLTLTKDEYERHNSYTCEATHKTSTSPIVKSFNRNEC
;
L
3 'polypeptide(L)'
;MRPRAGPLPLPSPLVPLLALALLAATRPLGPAAATPVVSPRASPAPPVPAATPTFPDDDNDGEAGAAPGAPGTNASVEAG
HATLRENLRDIKALDGDATFYVCPPPTGATVVQFEQPRPCPRAPDGQNYTEGIAVIFKENIAPYKFKATMYYKDVTVSQV
WFGHRYSQFMGIFEDRAPVPFEEVIDKINARGVCRSTAKYVRNNMESTAFHRDDDESDMKLKPAKAATRTSRGWHTTDLK
YNPSRIEAFHRYGTTVNCIVEEVEARSVYPYDEFVLATGDFVYMSPFYGYRDGAHAEHTAYAADRFRQVDGYYERDLSTG
RRASTPATRNLLTTPKFTVGWDWAPKRPSVCTLTKWQEVDEMLRAEYGPSFRFSSSALSTTFTTNRTEYALSRVDLGDCV
GREAREAVDRIFLRRYNGTHVKVGQVQYYLATGGFLIAYQPLLSNALVELYVRELLREQERRPGDAAATPKPSADPPDVE
RIKTTSSVEFARLQFTYDHIQRHVNDMLGRIAIAWCELQNHELTLWNEARKLNPNAIASATVGRRVSARMLGDVMAVSTC
VPVTPDNVIMQNSMRVPARPGTCYSRPLVSFRYEEGGPLVEGQLGEDNEIRLERDALEPCTVGHRRYFTFGAGYVYFEDY
AYSHQLGRADVTTVSTFINLNLTMLEDHEFVPLEVYTRQEIKDSGLLDYTEVQRRNQLHALRFADIDTVIKADAHAALFA
GLYSFFEGLGDVGRAVGKVVMGIVGGVVSAVSGVSSFLSNPFGALAVGLLVLAGLAAAFFAFRYVMRLQRNPMKALYPLT
TKELKSDGPSPAGDGGDGASGGGEEDFDEAKLAQAREMIRYMALVSAMERTEHKARKKGTSALLSAKVTNMVMRKRAKPR
YSPLGDTDEEEL
;
A
#
# COMPACT_ATOMS: atom_id res chain seq x y z
N GLU A 20 47.71 -2.81 -3.67
CA GLU A 20 46.71 -3.75 -4.16
C GLU A 20 45.87 -4.29 -3.01
N VAL A 21 44.61 -4.61 -3.30
CA VAL A 21 43.69 -5.12 -2.29
C VAL A 21 44.04 -6.56 -1.99
N GLN A 22 44.32 -6.86 -0.73
CA GLN A 22 44.74 -8.19 -0.34
C GLN A 22 44.01 -8.55 0.95
N LEU A 23 43.42 -9.75 0.99
CA LEU A 23 42.74 -10.26 2.16
C LEU A 23 43.52 -11.49 2.64
N GLN A 24 44.28 -11.32 3.71
CA GLN A 24 45.13 -12.38 4.25
C GLN A 24 44.37 -13.10 5.36
N GLN A 25 44.18 -14.40 5.20
CA GLN A 25 43.34 -15.19 6.07
C GLN A 25 44.24 -16.10 6.91
N SER A 26 43.66 -16.70 7.96
CA SER A 26 44.40 -17.35 9.04
C SER A 26 45.29 -18.51 8.61
N GLY A 27 44.69 -19.60 8.14
CA GLY A 27 45.45 -20.77 7.79
C GLY A 27 44.76 -22.05 8.23
N PRO A 28 45.42 -23.19 8.01
CA PRO A 28 44.82 -24.47 8.40
C PRO A 28 44.72 -24.63 9.90
N GLU A 29 43.69 -25.35 10.34
CA GLU A 29 43.47 -25.60 11.75
C GLU A 29 42.71 -26.90 11.91
N LEU A 30 43.34 -27.90 12.53
CA LEU A 30 42.65 -29.10 12.98
C LEU A 30 42.14 -28.85 14.39
N VAL A 31 40.95 -29.36 14.67
CA VAL A 31 40.24 -28.99 15.89
C VAL A 31 39.37 -30.16 16.31
N LYS A 32 39.30 -30.41 17.62
CA LYS A 32 38.52 -31.50 18.15
C LYS A 32 37.02 -31.18 18.05
N PRO A 33 36.17 -32.20 18.04
CA PRO A 33 34.73 -31.95 18.09
C PRO A 33 34.31 -31.36 19.43
N GLY A 34 33.34 -30.44 19.38
CA GLY A 34 32.86 -29.75 20.54
C GLY A 34 33.62 -28.47 20.86
N ALA A 35 34.81 -28.29 20.32
CA ALA A 35 35.63 -27.13 20.62
C ALA A 35 35.16 -25.92 19.81
N SER A 36 35.86 -24.81 19.97
CA SER A 36 35.55 -23.59 19.25
C SER A 36 36.81 -23.09 18.57
N VAL A 37 36.63 -22.46 17.41
CA VAL A 37 37.73 -21.99 16.58
C VAL A 37 37.40 -20.58 16.11
N LYS A 38 38.44 -19.79 15.85
CA LYS A 38 38.30 -18.37 15.51
C LYS A 38 39.17 -18.07 14.30
N ILE A 39 38.53 -17.87 13.15
CA ILE A 39 39.20 -17.58 11.88
C ILE A 39 39.35 -16.07 11.75
N SER A 40 40.52 -15.62 11.32
CA SER A 40 40.78 -14.20 11.11
C SER A 40 40.98 -13.92 9.63
N CYS A 41 40.53 -12.75 9.20
CA CYS A 41 40.74 -12.26 7.85
C CYS A 41 41.31 -10.85 7.96
N LYS A 42 42.55 -10.66 7.51
CA LYS A 42 43.23 -9.39 7.64
C LYS A 42 43.24 -8.67 6.30
N ALA A 43 42.91 -7.38 6.32
CA ALA A 43 42.77 -6.58 5.11
C ALA A 43 43.93 -5.60 4.96
N SER A 44 44.21 -5.25 3.71
CA SER A 44 45.25 -4.29 3.37
C SER A 44 44.99 -3.81 1.95
N GLY A 45 45.46 -2.60 1.66
CA GLY A 45 45.32 -2.02 0.34
C GLY A 45 44.07 -1.19 0.14
N TYR A 46 43.16 -1.17 1.12
CA TYR A 46 41.96 -0.37 1.03
C TYR A 46 41.59 0.07 2.43
N THR A 47 40.69 1.06 2.51
CA THR A 47 40.19 1.51 3.80
C THR A 47 39.11 0.55 4.30
N PHE A 48 39.36 -0.02 5.48
CA PHE A 48 38.63 -1.17 5.99
C PHE A 48 37.22 -0.83 6.48
N ALA A 49 36.96 0.43 6.82
CA ALA A 49 35.73 0.76 7.52
C ALA A 49 34.53 0.96 6.60
N ASP A 50 34.75 1.22 5.31
CA ASP A 50 33.64 1.48 4.39
C ASP A 50 33.45 0.36 3.37
N TYR A 51 33.64 -0.88 3.82
CA TYR A 51 33.33 -2.07 3.05
C TYR A 51 32.88 -3.15 4.02
N THR A 52 31.81 -3.86 3.67
CA THR A 52 31.36 -4.97 4.50
C THR A 52 32.24 -6.20 4.25
N MET A 53 32.24 -7.11 5.22
CA MET A 53 33.09 -8.29 5.18
C MET A 53 32.25 -9.55 5.36
N HIS A 54 32.19 -10.38 4.33
CA HIS A 54 31.34 -11.56 4.25
C HIS A 54 32.14 -12.83 4.48
N TRP A 55 31.41 -13.91 4.78
CA TRP A 55 32.00 -15.21 5.01
C TRP A 55 31.23 -16.25 4.24
N VAL A 56 31.92 -17.11 3.50
CA VAL A 56 31.28 -18.19 2.77
C VAL A 56 31.94 -19.51 3.12
N LYS A 57 31.16 -20.58 3.00
CA LYS A 57 31.59 -21.94 3.31
C LYS A 57 31.55 -22.79 2.05
N GLN A 58 32.60 -23.58 1.82
CA GLN A 58 32.63 -24.54 0.73
C GLN A 58 33.04 -25.90 1.27
N SER A 59 32.08 -26.81 1.35
CA SER A 59 32.37 -28.19 1.72
C SER A 59 33.12 -28.89 0.58
N HIS A 60 33.58 -30.11 0.87
CA HIS A 60 34.38 -30.85 -0.10
C HIS A 60 33.50 -31.34 -1.25
N GLY A 61 33.88 -30.94 -2.47
CA GLY A 61 33.12 -31.31 -3.66
C GLY A 61 31.75 -30.69 -3.76
N LYS A 62 31.46 -29.66 -2.98
CA LYS A 62 30.14 -29.07 -2.91
C LYS A 62 30.21 -27.61 -3.36
N SER A 63 29.10 -26.91 -3.20
CA SER A 63 28.96 -25.55 -3.67
C SER A 63 29.23 -24.57 -2.52
N LEU A 64 29.00 -23.29 -2.79
CA LEU A 64 29.30 -22.22 -1.87
C LEU A 64 28.06 -21.83 -1.10
N GLU A 65 28.16 -21.81 0.23
CA GLU A 65 27.08 -21.39 1.10
C GLU A 65 27.45 -20.08 1.78
N TRP A 66 26.48 -19.19 1.90
CA TRP A 66 26.67 -17.89 2.53
C TRP A 66 26.40 -17.99 4.03
N ILE A 67 27.13 -17.20 4.81
CA ILE A 67 27.05 -17.24 6.26
C ILE A 67 26.55 -15.91 6.82
N GLY A 68 27.16 -14.82 6.45
CA GLY A 68 26.75 -13.52 6.93
C GLY A 68 27.82 -12.49 6.68
N TYR A 69 27.53 -11.26 7.10
CA TYR A 69 28.52 -10.20 7.01
C TYR A 69 28.51 -9.35 8.26
N ILE A 70 29.43 -8.38 8.29
CA ILE A 70 29.50 -7.38 9.33
C ILE A 70 30.03 -6.09 8.71
N ASN A 71 29.45 -4.96 9.10
CA ASN A 71 29.97 -3.67 8.73
C ASN A 71 30.93 -3.21 9.81
N PRO A 72 32.20 -2.95 9.50
CA PRO A 72 33.15 -2.52 10.53
C PRO A 72 32.85 -1.13 11.08
N TYR A 73 32.18 -0.28 10.33
CA TYR A 73 31.88 1.06 10.81
C TYR A 73 30.70 1.07 11.77
N SER A 74 29.65 0.33 11.45
CA SER A 74 28.40 0.40 12.20
C SER A 74 28.15 -0.79 13.12
N LEU A 75 28.95 -1.86 12.99
CA LEU A 75 28.78 -3.15 13.68
C LEU A 75 27.42 -3.77 13.42
N PHE A 76 26.84 -3.50 12.25
CA PHE A 76 25.60 -4.16 11.84
C PHE A 76 25.93 -5.53 11.28
N ILE A 77 25.15 -6.53 11.71
CA ILE A 77 25.37 -7.92 11.33
C ILE A 77 24.08 -8.46 10.74
N ASP A 78 24.14 -8.91 9.49
CA ASP A 78 23.08 -9.70 8.89
C ASP A 78 23.67 -11.07 8.58
N SER A 79 22.93 -12.12 8.93
CA SER A 79 23.48 -13.46 8.91
C SER A 79 22.46 -14.44 8.35
N ASN A 80 22.97 -15.62 7.99
CA ASN A 80 22.13 -16.73 7.56
C ASN A 80 21.59 -17.44 8.80
N GLN A 81 20.29 -17.73 8.81
CA GLN A 81 19.66 -18.37 9.96
C GLN A 81 19.97 -19.85 10.06
N LYS A 82 20.59 -20.43 9.04
CA LYS A 82 21.16 -21.77 9.17
C LYS A 82 22.38 -21.78 10.07
N PHE A 83 23.06 -20.64 10.20
CA PHE A 83 24.27 -20.51 11.01
C PHE A 83 24.05 -19.63 12.24
N LYS A 84 22.81 -19.55 12.72
CA LYS A 84 22.50 -18.68 13.85
C LYS A 84 23.03 -19.22 15.17
N ASN A 85 23.34 -20.51 15.24
CA ASN A 85 23.93 -21.11 16.43
C ASN A 85 25.40 -21.45 16.23
N LYS A 86 25.92 -21.34 15.02
CA LYS A 86 27.28 -21.75 14.70
C LYS A 86 28.25 -20.57 14.62
N ALA A 87 27.87 -19.52 13.94
CA ALA A 87 28.76 -18.41 13.63
C ALA A 87 28.36 -17.16 14.38
N THR A 88 29.36 -16.48 14.94
CA THR A 88 29.21 -15.11 15.38
C THR A 88 30.40 -14.31 14.86
N LEU A 89 30.15 -13.06 14.52
CA LEU A 89 31.07 -12.23 13.77
C LEU A 89 31.45 -10.99 14.56
N THR A 90 32.72 -10.61 14.46
CA THR A 90 33.23 -9.45 15.18
C THR A 90 34.44 -8.88 14.44
N VAL A 91 34.76 -7.63 14.77
CA VAL A 91 35.76 -6.84 14.05
C VAL A 91 36.71 -6.21 15.06
N ASP A 92 38.01 -6.33 14.82
CA ASP A 92 39.02 -5.56 15.54
C ASP A 92 39.38 -4.35 14.68
N ASN A 93 38.99 -3.16 15.14
CA ASN A 93 39.15 -1.96 14.33
C ASN A 93 40.60 -1.51 14.24
N SER A 94 41.41 -1.83 15.26
CA SER A 94 42.79 -1.36 15.28
C SER A 94 43.65 -2.14 14.30
N SER A 95 43.61 -3.46 14.35
CA SER A 95 44.42 -4.29 13.47
C SER A 95 43.83 -4.43 12.08
N TYR A 96 42.61 -3.92 11.87
CA TYR A 96 41.85 -4.04 10.62
C TYR A 96 41.66 -5.50 10.23
N THR A 97 41.15 -6.30 11.16
CA THR A 97 40.90 -7.72 10.95
C THR A 97 39.47 -8.05 11.29
N ALA A 98 38.88 -8.99 10.55
CA ALA A 98 37.55 -9.50 10.81
C ALA A 98 37.65 -10.93 11.31
N TYR A 99 36.81 -11.27 12.28
CA TYR A 99 36.88 -12.56 12.93
C TYR A 99 35.57 -13.33 12.74
N MET A 100 35.68 -14.65 12.82
CA MET A 100 34.53 -15.54 12.74
C MET A 100 34.73 -16.68 13.73
N GLU A 101 33.81 -16.79 14.68
CA GLU A 101 33.89 -17.76 15.77
C GLU A 101 32.91 -18.88 15.48
N LEU A 102 33.43 -20.08 15.24
CA LEU A 102 32.61 -21.27 15.02
C LEU A 102 32.46 -22.03 16.34
N ARG A 103 31.21 -22.25 16.75
CA ARG A 103 30.88 -22.82 18.05
C ARG A 103 30.21 -24.17 17.87
N SER A 104 30.50 -25.10 18.81
CA SER A 104 29.93 -26.44 18.88
C SER A 104 30.21 -27.24 17.60
N LEU A 105 31.50 -27.47 17.36
CA LEU A 105 31.98 -28.02 16.10
C LEU A 105 31.64 -29.50 15.99
N THR A 106 30.76 -29.83 15.04
CA THR A 106 30.47 -31.21 14.67
C THR A 106 31.29 -31.58 13.44
N SER A 107 30.99 -32.74 12.86
CA SER A 107 31.76 -33.23 11.73
C SER A 107 31.43 -32.47 10.44
N GLU A 108 30.22 -31.93 10.32
CA GLU A 108 29.81 -31.26 9.09
C GLU A 108 30.40 -29.87 8.94
N ASP A 109 31.17 -29.40 9.91
CA ASP A 109 31.85 -28.10 9.85
C ASP A 109 33.19 -28.17 9.16
N SER A 110 33.57 -29.34 8.63
CA SER A 110 34.86 -29.50 7.96
C SER A 110 34.73 -28.98 6.54
N ALA A 111 35.26 -27.78 6.30
CA ALA A 111 35.14 -27.12 5.00
C ALA A 111 36.21 -26.05 4.89
N VAL A 112 36.25 -25.40 3.73
CA VAL A 112 37.10 -24.24 3.47
C VAL A 112 36.24 -22.99 3.64
N TYR A 113 36.75 -22.01 4.38
CA TYR A 113 36.04 -20.78 4.66
C TYR A 113 36.77 -19.61 4.01
N TYR A 114 36.03 -18.76 3.30
CA TYR A 114 36.60 -17.61 2.63
C TYR A 114 36.00 -16.34 3.23
N CYS A 115 36.78 -15.26 3.18
CA CYS A 115 36.32 -13.92 3.48
C CYS A 115 36.31 -13.10 2.21
N ALA A 116 35.31 -12.24 2.06
CA ALA A 116 35.09 -11.54 0.81
C ALA A 116 34.64 -10.11 1.06
N ARG A 117 35.12 -9.19 0.22
CA ARG A 117 34.79 -7.79 0.32
C ARG A 117 33.54 -7.49 -0.50
N PHE A 118 32.71 -6.57 0.00
CA PHE A 118 31.43 -6.23 -0.61
C PHE A 118 31.17 -4.79 -0.25
N PRO A 119 30.44 -4.04 -1.07
CA PRO A 119 30.12 -2.65 -0.73
C PRO A 119 29.22 -2.55 0.47
N PRO A 120 29.16 -1.39 1.13
CA PRO A 120 28.23 -1.23 2.26
C PRO A 120 26.83 -0.81 1.83
N TYR A 121 26.53 -0.98 0.54
CA TYR A 121 25.24 -0.65 -0.01
C TYR A 121 24.82 -1.75 -0.96
N TYR A 122 23.63 -1.61 -1.53
CA TYR A 122 23.14 -2.50 -2.57
C TYR A 122 22.87 -1.68 -3.84
N GLY A 123 23.70 -1.88 -4.85
CA GLY A 123 23.46 -1.32 -6.15
C GLY A 123 23.67 -2.38 -7.20
N PHE A 124 23.75 -2.00 -8.47
CA PHE A 124 24.01 -3.00 -9.50
C PHE A 124 25.46 -3.47 -9.46
N ASP A 125 26.35 -2.62 -8.97
CA ASP A 125 27.78 -2.91 -8.88
C ASP A 125 28.13 -3.87 -7.76
N SER A 126 27.28 -4.00 -6.76
CA SER A 126 27.66 -4.56 -5.45
C SER A 126 27.85 -6.05 -5.55
N HIS A 127 29.10 -6.50 -5.73
CA HIS A 127 29.46 -7.90 -5.85
C HIS A 127 30.67 -8.18 -4.99
N PHE A 128 31.12 -9.44 -4.99
CA PHE A 128 32.29 -9.85 -4.20
C PHE A 128 33.52 -9.69 -5.09
N ASP A 129 34.15 -8.53 -5.01
CA ASP A 129 35.26 -8.22 -5.91
C ASP A 129 36.61 -8.72 -5.42
N TYR A 130 36.75 -9.05 -4.14
CA TYR A 130 38.00 -9.54 -3.61
C TYR A 130 37.72 -10.63 -2.58
N TRP A 131 38.56 -11.65 -2.57
CA TRP A 131 38.35 -12.86 -1.79
C TRP A 131 39.63 -13.21 -1.05
N GLY A 132 39.48 -13.80 0.13
CA GLY A 132 40.63 -14.36 0.82
C GLY A 132 41.12 -15.64 0.18
N GLN A 133 42.29 -16.10 0.61
CA GLN A 133 42.85 -17.32 0.03
C GLN A 133 42.21 -18.58 0.58
N GLY A 134 41.46 -18.49 1.67
CA GLY A 134 40.80 -19.65 2.22
C GLY A 134 41.51 -20.17 3.47
N THR A 135 40.74 -20.89 4.29
CA THR A 135 41.29 -21.57 5.44
C THR A 135 40.67 -22.97 5.53
N ALA A 136 41.53 -23.99 5.52
CA ALA A 136 41.07 -25.36 5.58
C ALA A 136 40.85 -25.75 7.03
N LEU A 137 39.61 -26.05 7.37
CA LEU A 137 39.22 -26.37 8.74
C LEU A 137 38.78 -27.83 8.77
N THR A 138 39.45 -28.64 9.59
CA THR A 138 39.15 -30.06 9.72
C THR A 138 38.77 -30.37 11.16
N VAL A 139 37.54 -30.83 11.36
CA VAL A 139 37.07 -31.26 12.68
C VAL A 139 37.23 -32.77 12.73
N SER A 140 38.25 -33.24 13.44
CA SER A 140 38.54 -34.65 13.55
C SER A 140 39.31 -34.89 14.85
N SER A 141 39.88 -36.07 14.99
CA SER A 141 40.67 -36.43 16.17
C SER A 141 41.70 -37.51 15.85
N GLN B 20 16.20 -18.51 0.48
CA GLN B 20 15.92 -19.88 0.07
C GLN B 20 15.62 -19.94 -1.42
N ILE B 21 16.14 -18.98 -2.17
CA ILE B 21 16.06 -19.00 -3.62
C ILE B 21 17.01 -20.06 -4.14
N VAL B 22 16.47 -21.13 -4.71
CA VAL B 22 17.32 -22.13 -5.34
C VAL B 22 17.70 -21.64 -6.72
N LEU B 23 18.95 -21.89 -7.10
CA LEU B 23 19.49 -21.45 -8.38
C LEU B 23 19.89 -22.71 -9.15
N SER B 24 18.95 -23.26 -9.89
CA SER B 24 19.23 -24.45 -10.68
C SER B 24 20.04 -24.07 -11.91
N GLN B 25 21.14 -24.79 -12.12
CA GLN B 25 22.18 -24.36 -13.04
C GLN B 25 22.54 -25.54 -13.92
N SER B 26 22.45 -25.36 -15.25
CA SER B 26 22.56 -26.46 -16.20
C SER B 26 23.45 -26.05 -17.37
N PRO B 27 24.25 -26.98 -17.92
CA PRO B 27 24.47 -28.37 -17.50
C PRO B 27 25.49 -28.49 -16.39
N ALA B 28 25.41 -29.57 -15.59
CA ALA B 28 26.34 -29.74 -14.48
C ALA B 28 27.77 -29.99 -14.95
N ILE B 29 27.91 -30.54 -16.15
CA ILE B 29 29.21 -30.71 -16.80
C ILE B 29 29.03 -30.29 -18.27
N LEU B 30 30.01 -29.59 -18.80
CA LEU B 30 29.90 -29.04 -20.16
C LEU B 30 31.21 -29.24 -20.90
N SER B 31 31.20 -30.08 -21.92
CA SER B 31 32.37 -30.33 -22.74
C SER B 31 32.41 -29.34 -23.90
N ALA B 32 33.60 -28.91 -24.27
CA ALA B 32 33.75 -27.87 -25.29
C ALA B 32 35.11 -27.98 -25.95
N SER B 33 35.12 -28.27 -27.24
CA SER B 33 36.36 -28.22 -27.99
C SER B 33 36.81 -26.77 -28.16
N PRO B 34 38.12 -26.49 -28.10
CA PRO B 34 38.58 -25.10 -28.08
C PRO B 34 38.38 -24.36 -29.39
N GLY B 35 37.43 -23.43 -29.39
CA GLY B 35 37.13 -22.64 -30.56
C GLY B 35 35.66 -22.42 -30.78
N GLU B 36 34.82 -23.28 -30.21
CA GLU B 36 33.39 -23.20 -30.43
C GLU B 36 32.74 -22.32 -29.36
N LYS B 37 31.46 -22.01 -29.58
CA LYS B 37 30.70 -21.24 -28.62
C LYS B 37 29.83 -22.16 -27.78
N VAL B 38 29.75 -21.87 -26.49
CA VAL B 38 28.96 -22.62 -25.53
C VAL B 38 28.15 -21.63 -24.71
N THR B 39 27.16 -22.16 -23.99
CA THR B 39 26.30 -21.35 -23.15
C THR B 39 25.92 -22.14 -21.90
N MET B 40 25.68 -21.41 -20.82
CA MET B 40 25.26 -21.95 -19.54
C MET B 40 23.90 -21.34 -19.21
N THR B 41 23.23 -21.92 -18.22
CA THR B 41 21.94 -21.40 -17.77
C THR B 41 21.91 -21.36 -16.25
N CYS B 42 21.13 -20.41 -15.72
CA CYS B 42 20.88 -20.31 -14.28
C CYS B 42 19.41 -19.93 -14.11
N ARG B 43 18.61 -20.90 -13.70
CA ARG B 43 17.19 -20.68 -13.43
C ARG B 43 16.98 -20.45 -11.95
N ALA B 44 16.23 -19.40 -11.62
CA ALA B 44 15.94 -19.03 -10.25
C ALA B 44 14.50 -19.39 -9.89
N SER B 45 14.26 -19.66 -8.61
CA SER B 45 12.93 -20.08 -8.19
C SER B 45 11.95 -18.91 -8.15
N SER B 46 12.44 -17.69 -7.96
CA SER B 46 11.62 -16.50 -8.14
C SER B 46 12.49 -15.44 -8.79
N SER B 47 11.84 -14.33 -9.16
CA SER B 47 12.53 -13.28 -9.92
C SER B 47 13.55 -12.55 -9.05
N VAL B 48 14.74 -12.33 -9.61
CA VAL B 48 15.87 -11.70 -8.94
C VAL B 48 16.27 -10.49 -9.77
N SER B 49 16.67 -9.41 -9.08
CA SER B 49 17.02 -8.17 -9.76
C SER B 49 18.25 -8.32 -10.65
N TYR B 50 19.28 -9.02 -10.18
CA TYR B 50 20.48 -9.25 -10.98
C TYR B 50 21.07 -10.60 -10.62
N ILE B 51 21.72 -11.23 -11.59
CA ILE B 51 22.46 -12.45 -11.32
C ILE B 51 23.95 -12.10 -11.43
N TYR B 52 24.75 -12.83 -10.67
CA TYR B 52 26.20 -12.68 -10.66
C TYR B 52 26.85 -13.97 -11.13
N TRP B 53 28.13 -13.88 -11.48
CA TRP B 53 28.86 -15.03 -11.96
C TRP B 53 30.26 -15.02 -11.36
N TYR B 54 30.71 -16.19 -10.93
CA TYR B 54 32.00 -16.36 -10.28
C TYR B 54 32.65 -17.61 -10.84
N GLN B 55 33.91 -17.54 -11.22
CA GLN B 55 34.59 -18.77 -11.60
C GLN B 55 35.51 -19.22 -10.48
N GLN B 56 35.81 -20.51 -10.48
CA GLN B 56 36.72 -21.07 -9.49
C GLN B 56 37.47 -22.22 -10.13
N LYS B 57 38.72 -22.13 -10.13
CA LYS B 57 39.59 -23.23 -10.49
C LYS B 57 39.96 -24.01 -9.23
N PRO B 58 40.26 -25.31 -9.34
CA PRO B 58 40.46 -26.12 -8.14
C PRO B 58 41.68 -25.71 -7.32
N GLU B 59 41.53 -25.85 -6.00
CA GLU B 59 42.47 -25.35 -4.99
C GLU B 59 42.77 -23.86 -5.19
N SER B 60 41.71 -23.09 -5.39
CA SER B 60 41.83 -21.64 -5.54
C SER B 60 40.55 -20.98 -5.06
N SER B 61 40.66 -19.70 -4.73
CA SER B 61 39.52 -18.91 -4.30
C SER B 61 38.64 -18.59 -5.50
N PRO B 62 37.36 -18.32 -5.27
CA PRO B 62 36.51 -17.81 -6.36
C PRO B 62 36.92 -16.41 -6.77
N LYS B 63 36.64 -16.08 -8.03
CA LYS B 63 36.95 -14.78 -8.60
C LYS B 63 35.68 -14.18 -9.19
N PRO B 64 35.48 -12.87 -9.08
CA PRO B 64 34.31 -12.24 -9.71
C PRO B 64 34.44 -12.25 -11.22
N TRP B 65 33.36 -12.66 -11.90
CA TRP B 65 33.44 -12.90 -13.32
C TRP B 65 32.48 -12.01 -14.12
N ILE B 66 31.20 -12.04 -13.81
CA ILE B 66 30.22 -11.12 -14.39
C ILE B 66 29.30 -10.63 -13.29
N TYR B 67 29.17 -9.32 -13.16
CA TYR B 67 28.22 -8.71 -12.25
C TYR B 67 27.16 -7.95 -13.04
N ALA B 68 26.02 -7.73 -12.38
CA ALA B 68 24.85 -7.00 -12.91
C ALA B 68 24.36 -7.58 -14.23
N THR B 69 24.45 -8.91 -14.35
CA THR B 69 23.92 -9.80 -15.38
C THR B 69 24.65 -9.68 -16.72
N SER B 70 25.36 -8.58 -16.96
CA SER B 70 26.04 -8.39 -18.22
C SER B 70 27.41 -7.73 -18.12
N ASN B 71 27.76 -7.11 -17.00
CA ASN B 71 28.97 -6.31 -16.92
C ASN B 71 30.16 -7.19 -16.57
N LEU B 72 31.21 -7.08 -17.37
CA LEU B 72 32.41 -7.87 -17.18
C LEU B 72 33.23 -7.33 -16.02
N ALA B 73 33.87 -8.25 -15.31
CA ALA B 73 34.63 -7.87 -14.13
C ALA B 73 36.02 -7.40 -14.54
N SER B 74 36.90 -7.19 -13.56
CA SER B 74 38.21 -6.62 -13.81
C SER B 74 39.14 -7.69 -14.35
N GLY B 75 39.41 -7.65 -15.65
CA GLY B 75 40.41 -8.50 -16.26
C GLY B 75 39.89 -9.76 -16.91
N VAL B 76 38.58 -9.93 -17.03
CA VAL B 76 38.04 -11.11 -17.69
C VAL B 76 38.06 -10.81 -19.19
N PRO B 77 38.16 -11.82 -20.06
CA PRO B 77 38.22 -11.54 -21.50
C PRO B 77 36.88 -11.09 -22.05
N GLY B 78 36.94 -10.51 -23.25
CA GLY B 78 35.76 -10.05 -23.95
C GLY B 78 34.95 -11.12 -24.62
N ARG B 79 35.45 -12.36 -24.64
CA ARG B 79 34.70 -13.47 -25.20
C ARG B 79 33.56 -13.92 -24.28
N PHE B 80 33.60 -13.55 -23.01
CA PHE B 80 32.54 -13.87 -22.07
C PHE B 80 31.44 -12.83 -22.13
N SER B 81 30.20 -13.29 -22.04
CA SER B 81 29.06 -12.38 -22.01
C SER B 81 27.94 -13.03 -21.21
N GLY B 82 27.13 -12.17 -20.59
CA GLY B 82 25.96 -12.64 -19.87
C GLY B 82 24.72 -11.91 -20.34
N SER B 83 23.58 -12.53 -20.08
CA SER B 83 22.29 -11.97 -20.48
C SER B 83 21.19 -12.60 -19.64
N GLY B 84 20.04 -11.95 -19.63
CA GLY B 84 18.87 -12.46 -18.95
C GLY B 84 18.23 -11.42 -18.06
N SER B 85 17.08 -11.81 -17.51
CA SER B 85 16.34 -11.01 -16.55
C SER B 85 15.36 -11.94 -15.83
N GLY B 86 14.86 -11.49 -14.70
CA GLY B 86 13.87 -12.23 -13.96
C GLY B 86 14.37 -13.53 -13.36
N THR B 87 13.97 -14.65 -13.95
CA THR B 87 14.33 -15.97 -13.48
C THR B 87 15.28 -16.71 -14.41
N SER B 88 15.53 -16.20 -15.61
CA SER B 88 16.30 -16.91 -16.63
C SER B 88 17.56 -16.13 -16.95
N TYR B 89 18.71 -16.79 -16.84
CA TYR B 89 20.00 -16.13 -17.00
C TYR B 89 20.94 -17.06 -17.76
N SER B 90 21.93 -16.47 -18.42
CA SER B 90 22.82 -17.22 -19.29
C SER B 90 24.23 -16.65 -19.26
N LEU B 91 25.18 -17.51 -19.59
CA LEU B 91 26.60 -17.15 -19.65
C LEU B 91 27.19 -17.79 -20.91
N THR B 92 27.60 -16.97 -21.88
CA THR B 92 28.10 -17.46 -23.15
C THR B 92 29.57 -17.14 -23.31
N ILE B 93 30.25 -17.99 -24.08
CA ILE B 93 31.62 -17.77 -24.50
C ILE B 93 31.63 -17.78 -26.02
N SER B 94 32.26 -16.78 -26.63
CA SER B 94 32.21 -16.67 -28.09
C SER B 94 33.16 -17.66 -28.76
N ARG B 95 34.35 -17.86 -28.19
CA ARG B 95 35.29 -18.84 -28.70
C ARG B 95 36.09 -19.34 -27.50
N VAL B 96 35.79 -20.57 -27.05
CA VAL B 96 36.33 -21.06 -25.80
C VAL B 96 37.81 -21.39 -25.96
N GLU B 97 38.59 -21.07 -24.93
CA GLU B 97 40.01 -21.35 -24.88
C GLU B 97 40.28 -22.42 -23.83
N ALA B 98 41.54 -22.84 -23.75
CA ALA B 98 41.92 -23.89 -22.80
C ALA B 98 41.98 -23.37 -21.36
N GLU B 99 42.15 -22.07 -21.17
CA GLU B 99 42.20 -21.49 -19.84
C GLU B 99 40.81 -21.22 -19.26
N ASP B 100 39.76 -21.55 -19.98
CA ASP B 100 38.40 -21.33 -19.53
C ASP B 100 37.86 -22.48 -18.69
N ALA B 101 38.62 -23.55 -18.52
CA ALA B 101 38.16 -24.73 -17.80
C ALA B 101 38.11 -24.45 -16.30
N ALA B 102 36.94 -24.05 -15.82
CA ALA B 102 36.74 -23.77 -14.41
C ALA B 102 35.32 -24.19 -14.04
N THR B 103 34.94 -23.90 -12.80
CA THR B 103 33.59 -24.11 -12.32
C THR B 103 32.94 -22.74 -12.13
N TYR B 104 31.80 -22.53 -12.78
CA TYR B 104 31.16 -21.23 -12.86
C TYR B 104 29.90 -21.23 -12.04
N TYR B 105 29.84 -20.37 -11.03
CA TYR B 105 28.73 -20.30 -10.08
C TYR B 105 27.90 -19.06 -10.35
N CYS B 106 26.59 -19.22 -10.41
CA CYS B 106 25.68 -18.08 -10.42
C CYS B 106 25.21 -17.78 -9.00
N GLN B 107 24.97 -16.50 -8.73
CA GLN B 107 24.77 -16.01 -7.37
C GLN B 107 23.74 -14.89 -7.35
N GLN B 108 22.94 -14.87 -6.29
CA GLN B 108 21.94 -13.82 -6.07
C GLN B 108 22.10 -13.27 -4.66
N TRP B 109 21.79 -11.98 -4.48
CA TRP B 109 21.64 -11.42 -3.15
C TRP B 109 20.30 -10.76 -2.92
N SER B 110 19.32 -10.97 -3.79
CA SER B 110 18.06 -10.24 -3.67
C SER B 110 17.25 -10.67 -2.47
N TYR B 111 17.34 -11.92 -2.05
CA TYR B 111 16.67 -12.37 -0.84
C TYR B 111 17.69 -12.80 0.20
N ASN B 112 17.24 -12.87 1.46
CA ASN B 112 18.03 -13.53 2.50
C ASN B 112 17.63 -15.00 2.58
N PRO B 113 18.59 -15.93 2.63
CA PRO B 113 20.04 -15.69 2.58
C PRO B 113 20.54 -15.56 1.16
N TYR B 114 21.79 -15.14 1.00
CA TYR B 114 22.41 -15.18 -0.31
C TYR B 114 22.62 -16.65 -0.67
N THR B 115 22.39 -16.98 -1.94
CA THR B 115 22.49 -18.36 -2.37
C THR B 115 23.35 -18.41 -3.62
N PHE B 116 24.14 -19.47 -3.76
CA PHE B 116 24.86 -19.68 -5.01
C PHE B 116 24.23 -20.85 -5.74
N GLY B 117 24.59 -21.00 -7.01
CA GLY B 117 24.17 -22.14 -7.77
C GLY B 117 25.03 -23.36 -7.52
N GLY B 118 24.60 -24.48 -8.09
CA GLY B 118 25.34 -25.72 -7.91
C GLY B 118 26.64 -25.75 -8.70
N GLY B 119 26.65 -25.14 -9.89
CA GLY B 119 27.89 -25.00 -10.66
C GLY B 119 27.91 -25.75 -11.96
N THR B 120 28.40 -25.08 -13.00
CA THR B 120 28.71 -25.70 -14.28
C THR B 120 30.22 -25.84 -14.40
N LYS B 121 30.68 -26.99 -14.88
CA LYS B 121 32.11 -27.27 -14.98
C LYS B 121 32.46 -27.45 -16.46
N LEU B 122 33.32 -26.57 -16.97
CA LEU B 122 33.82 -26.72 -18.33
C LEU B 122 34.92 -27.75 -18.39
N GLU B 123 34.71 -28.77 -19.21
CA GLU B 123 35.78 -29.63 -19.70
C GLU B 123 36.13 -29.21 -21.12
N ILE B 124 37.41 -29.29 -21.45
CA ILE B 124 37.87 -29.02 -22.80
C ILE B 124 38.12 -30.34 -23.51
N ARG B 125 37.83 -30.38 -24.80
CA ARG B 125 38.03 -31.56 -25.64
C ARG B 125 39.19 -31.28 -26.58
N ARG B 126 40.37 -31.74 -26.20
CA ARG B 126 41.60 -31.54 -26.97
C ARG B 126 41.58 -32.35 -28.27
N PRO C 104 -96.46 -1.91 -1.62
CA PRO C 104 -97.01 -2.28 -0.33
C PRO C 104 -97.70 -3.65 -0.38
N PRO C 105 -97.07 -4.76 -0.80
CA PRO C 105 -97.77 -6.02 -1.02
C PRO C 105 -97.50 -7.19 -0.07
N PRO C 106 -98.09 -8.39 -0.28
CA PRO C 106 -97.74 -9.54 0.53
C PRO C 106 -96.43 -10.11 -0.03
N THR C 107 -96.28 -11.43 -0.04
CA THR C 107 -95.03 -12.06 -0.53
C THR C 107 -95.28 -13.53 -0.87
N GLY C 108 -94.33 -14.22 -1.52
CA GLY C 108 -94.48 -15.67 -1.80
C GLY C 108 -93.40 -16.27 -2.71
N ALA C 109 -93.28 -15.81 -3.96
CA ALA C 109 -92.39 -16.47 -4.97
C ALA C 109 -90.88 -16.20 -4.81
N THR C 110 -90.37 -15.04 -5.24
CA THR C 110 -88.93 -14.67 -5.10
C THR C 110 -88.45 -14.87 -3.65
N VAL C 111 -87.38 -15.62 -3.44
CA VAL C 111 -86.82 -15.89 -2.09
C VAL C 111 -85.34 -15.49 -2.05
N VAL C 112 -84.83 -14.99 -0.93
CA VAL C 112 -83.42 -14.51 -0.82
C VAL C 112 -82.76 -15.07 0.44
N GLN C 113 -81.46 -15.35 0.40
CA GLN C 113 -80.71 -15.86 1.57
C GLN C 113 -79.55 -14.91 1.87
N PHE C 114 -79.03 -14.93 3.10
CA PHE C 114 -77.93 -14.05 3.51
C PHE C 114 -76.58 -14.68 3.12
N GLU C 115 -75.60 -13.89 2.69
CA GLU C 115 -74.25 -14.45 2.43
C GLU C 115 -73.78 -15.13 3.70
N GLN C 116 -72.88 -16.09 3.60
CA GLN C 116 -72.51 -16.85 4.83
C GLN C 116 -71.10 -16.43 5.20
N PRO C 117 -70.65 -16.59 6.45
CA PRO C 117 -69.36 -16.00 6.88
C PRO C 117 -68.21 -16.13 5.88
N ARG C 118 -67.52 -15.03 5.56
CA ARG C 118 -66.42 -15.01 4.54
C ARG C 118 -65.10 -15.44 5.14
N PRO C 119 -64.22 -16.10 4.37
CA PRO C 119 -62.92 -16.59 4.87
C PRO C 119 -62.06 -15.36 5.21
N CYS C 120 -61.37 -15.37 6.34
CA CYS C 120 -60.67 -14.15 6.80
C CYS C 120 -59.18 -14.15 6.44
N PRO C 121 -58.67 -13.06 5.83
CA PRO C 121 -57.25 -12.95 5.53
C PRO C 121 -56.41 -13.33 6.74
N ARG C 122 -55.36 -14.12 6.54
CA ARG C 122 -54.51 -14.58 7.68
C ARG C 122 -53.35 -13.60 7.87
N ALA C 123 -52.94 -13.42 9.13
CA ALA C 123 -51.84 -12.48 9.44
C ALA C 123 -50.64 -12.87 8.58
N PRO C 124 -50.06 -11.97 7.76
CA PRO C 124 -48.96 -12.34 6.84
C PRO C 124 -47.80 -13.05 7.57
N ASP C 125 -46.93 -13.76 6.83
CA ASP C 125 -45.86 -14.59 7.46
C ASP C 125 -44.88 -13.79 8.33
N GLY C 126 -44.35 -12.67 7.82
CA GLY C 126 -43.32 -11.93 8.58
C GLY C 126 -41.93 -12.19 8.05
N GLN C 127 -41.01 -11.23 8.21
CA GLN C 127 -39.66 -11.37 7.60
C GLN C 127 -38.69 -12.01 8.60
N ASN C 128 -37.81 -12.87 8.10
CA ASN C 128 -36.79 -13.51 8.95
C ASN C 128 -35.48 -12.76 8.74
N TYR C 129 -35.04 -12.05 9.77
CA TYR C 129 -33.80 -11.27 9.68
C TYR C 129 -32.68 -12.05 10.36
N THR C 130 -31.49 -12.07 9.78
CA THR C 130 -30.33 -12.68 10.48
C THR C 130 -29.61 -11.53 11.19
N GLU C 131 -29.38 -11.64 12.50
CA GLU C 131 -28.62 -10.59 13.14
C GLU C 131 -27.13 -10.79 12.92
N GLY C 132 -26.37 -9.70 12.92
CA GLY C 132 -24.96 -9.79 12.63
C GLY C 132 -24.21 -8.52 12.91
N ILE C 133 -22.89 -8.60 12.74
CA ILE C 133 -21.98 -7.49 12.89
C ILE C 133 -21.39 -7.21 11.51
N ALA C 134 -21.35 -5.93 11.13
CA ALA C 134 -20.81 -5.56 9.83
C ALA C 134 -19.81 -4.43 9.94
N VAL C 135 -18.81 -4.48 9.07
CA VAL C 135 -17.94 -3.35 8.80
C VAL C 135 -18.01 -3.05 7.31
N ILE C 136 -18.19 -1.78 6.97
CA ILE C 136 -18.43 -1.35 5.60
C ILE C 136 -17.19 -0.66 5.09
N PHE C 137 -16.75 -1.04 3.89
CA PHE C 137 -15.56 -0.50 3.27
C PHE C 137 -15.93 0.31 2.03
N LYS C 138 -15.20 1.38 1.80
CA LYS C 138 -15.40 2.26 0.65
C LYS C 138 -14.10 2.35 -0.14
N GLU C 139 -14.21 2.93 -1.33
CA GLU C 139 -13.05 3.19 -2.18
C GLU C 139 -12.06 4.14 -1.51
N ASN C 140 -10.78 3.78 -1.60
CA ASN C 140 -9.72 4.61 -1.03
C ASN C 140 -9.39 5.76 -1.97
N ILE C 141 -9.58 6.98 -1.50
CA ILE C 141 -9.25 8.17 -2.27
C ILE C 141 -8.00 8.86 -1.73
N ALA C 142 -7.69 8.70 -0.46
CA ALA C 142 -6.52 9.34 0.15
C ALA C 142 -5.24 8.70 -0.37
N PRO C 143 -4.24 9.51 -0.73
CA PRO C 143 -2.98 8.95 -1.23
C PRO C 143 -2.16 8.32 -0.11
N TYR C 144 -1.15 7.57 -0.52
CA TYR C 144 -0.19 6.99 0.42
C TYR C 144 0.80 8.06 0.85
N LYS C 145 0.92 8.25 2.16
CA LYS C 145 1.77 9.29 2.73
C LYS C 145 2.98 8.65 3.41
N PHE C 146 4.16 9.19 3.14
CA PHE C 146 5.38 8.69 3.77
C PHE C 146 6.39 9.81 3.89
N LYS C 147 7.39 9.57 4.74
CA LYS C 147 8.36 10.59 5.14
C LYS C 147 9.62 10.43 4.30
N ALA C 148 10.02 11.48 3.62
CA ALA C 148 11.24 11.49 2.82
C ALA C 148 12.12 12.65 3.24
N THR C 149 13.39 12.58 2.85
CA THR C 149 14.36 13.63 3.14
C THR C 149 15.02 14.03 1.83
N MET C 150 15.03 15.32 1.54
CA MET C 150 15.66 15.85 0.34
C MET C 150 17.07 16.34 0.66
N TYR C 151 18.00 16.07 -0.25
CA TYR C 151 19.40 16.41 -0.08
C TYR C 151 19.86 17.11 -1.36
N TYR C 152 20.02 18.43 -1.33
CA TYR C 152 20.44 19.15 -2.51
C TYR C 152 21.30 20.35 -2.11
N LYS C 153 21.80 21.06 -3.11
CA LYS C 153 22.64 22.23 -2.91
C LYS C 153 22.14 23.34 -3.81
N ASP C 154 21.84 24.51 -3.24
CA ASP C 154 21.57 25.70 -4.03
C ASP C 154 22.90 26.31 -4.48
N VAL C 155 23.15 26.24 -5.78
CA VAL C 155 24.32 26.84 -6.40
C VAL C 155 23.86 28.09 -7.13
N THR C 156 24.42 29.24 -6.76
CA THR C 156 24.08 30.48 -7.44
C THR C 156 25.35 31.23 -7.83
N VAL C 157 25.45 31.58 -9.10
CA VAL C 157 26.53 32.44 -9.59
C VAL C 157 25.92 33.76 -10.03
N SER C 158 26.58 34.84 -9.66
CA SER C 158 26.11 36.18 -9.99
C SER C 158 27.16 36.87 -10.86
N GLN C 159 26.69 37.67 -11.80
CA GLN C 159 27.54 38.52 -12.62
C GLN C 159 27.24 39.97 -12.26
N VAL C 160 28.26 40.68 -11.79
CA VAL C 160 28.10 42.04 -11.29
C VAL C 160 28.96 42.97 -12.13
N TRP C 161 28.35 43.99 -12.69
CA TRP C 161 29.06 45.12 -13.29
C TRP C 161 29.26 46.20 -12.25
N PHE C 162 30.47 46.74 -12.21
CA PHE C 162 30.83 47.79 -11.26
C PHE C 162 31.01 49.09 -12.02
N GLY C 163 30.08 50.03 -11.82
CA GLY C 163 30.20 51.36 -12.40
C GLY C 163 31.12 52.25 -11.58
N HIS C 164 30.77 53.52 -11.51
CA HIS C 164 31.54 54.45 -10.70
C HIS C 164 30.88 54.74 -9.36
N ARG C 165 29.57 54.89 -9.35
CA ARG C 165 28.83 55.09 -8.10
C ARG C 165 27.93 53.91 -7.75
N TYR C 166 27.79 52.94 -8.64
CA TYR C 166 26.78 51.89 -8.48
C TYR C 166 27.38 50.55 -8.86
N SER C 167 26.65 49.49 -8.50
CA SER C 167 26.91 48.15 -8.98
C SER C 167 25.59 47.53 -9.41
N GLN C 168 25.65 46.67 -10.44
CA GLN C 168 24.44 46.13 -11.05
C GLN C 168 24.63 44.64 -11.36
N PHE C 169 23.63 43.84 -11.00
CA PHE C 169 23.59 42.46 -11.46
C PHE C 169 23.35 42.42 -12.97
N MET C 170 24.25 41.80 -13.70
CA MET C 170 24.03 41.53 -15.11
C MET C 170 23.41 40.15 -15.33
N GLY C 171 23.30 39.35 -14.28
CA GLY C 171 22.72 38.03 -14.36
C GLY C 171 22.89 37.26 -13.07
N ILE C 172 21.88 36.48 -12.69
CA ILE C 172 21.96 35.59 -11.54
C ILE C 172 21.49 34.22 -11.99
N PHE C 173 22.40 33.26 -12.05
CA PHE C 173 22.10 31.89 -12.45
C PHE C 173 21.90 31.03 -11.22
N GLU C 174 20.73 30.43 -11.08
CA GLU C 174 20.35 29.63 -9.93
C GLU C 174 20.13 28.19 -10.35
N ASP C 175 20.61 27.25 -9.54
CA ASP C 175 20.53 25.84 -9.91
C ASP C 175 20.54 25.01 -8.63
N ARG C 176 19.83 23.88 -8.67
CA ARG C 176 19.87 22.89 -7.60
C ARG C 176 20.76 21.72 -8.03
N ALA C 177 21.67 21.33 -7.15
CA ALA C 177 22.60 20.26 -7.42
C ALA C 177 22.41 19.14 -6.40
N PRO C 178 22.32 17.88 -6.82
CA PRO C 178 22.16 16.79 -5.86
C PRO C 178 23.47 16.49 -5.14
N VAL C 179 23.37 16.16 -3.85
CA VAL C 179 24.56 15.70 -3.17
C VAL C 179 24.72 14.24 -3.58
N PRO C 180 25.94 13.75 -3.77
CA PRO C 180 26.12 12.36 -4.17
C PRO C 180 25.87 11.41 -3.00
N PHE C 181 25.82 10.12 -3.34
CA PHE C 181 25.55 9.06 -2.37
C PHE C 181 26.62 8.99 -1.30
N GLU C 182 27.88 9.23 -1.68
CA GLU C 182 28.95 9.13 -0.71
C GLU C 182 28.90 10.26 0.32
N GLU C 183 28.31 11.40 -0.03
CA GLU C 183 28.28 12.53 0.87
C GLU C 183 27.11 12.49 1.82
N VAL C 184 25.97 11.91 1.41
CA VAL C 184 24.87 11.72 2.35
C VAL C 184 25.23 10.63 3.37
N ILE C 185 26.07 9.67 2.99
CA ILE C 185 26.42 8.59 3.90
C ILE C 185 27.62 8.94 4.76
N ASP C 186 28.70 9.49 4.18
CA ASP C 186 29.93 9.68 4.92
C ASP C 186 30.09 11.09 5.48
N LYS C 187 29.30 12.06 5.03
CA LYS C 187 29.38 13.40 5.58
C LYS C 187 28.12 13.82 6.32
N ILE C 188 26.95 13.74 5.69
CA ILE C 188 25.74 14.31 6.28
C ILE C 188 25.21 13.42 7.39
N ASN C 189 25.08 12.12 7.15
CA ASN C 189 24.60 11.25 8.22
C ASN C 189 25.69 10.96 9.24
N ALA C 190 26.94 10.94 8.82
CA ALA C 190 28.02 10.56 9.74
C ALA C 190 28.36 11.68 10.71
N ARG C 191 28.60 12.88 10.19
CA ARG C 191 29.10 13.97 11.01
C ARG C 191 28.21 15.20 11.04
N GLY C 192 27.07 15.18 10.36
CA GLY C 192 26.22 16.36 10.29
C GLY C 192 26.82 17.50 9.52
N VAL C 193 27.68 17.20 8.54
CA VAL C 193 28.50 18.18 7.87
C VAL C 193 28.26 18.01 6.37
N CYS C 194 28.69 19.01 5.59
CA CYS C 194 28.52 18.96 4.16
C CYS C 194 29.72 19.62 3.49
N ARG C 195 30.15 19.07 2.37
CA ARG C 195 31.28 19.64 1.63
C ARG C 195 30.84 20.91 0.90
N SER C 196 31.72 21.90 0.88
CA SER C 196 31.40 23.21 0.31
C SER C 196 31.52 23.26 -1.21
N THR C 197 31.71 22.13 -1.86
CA THR C 197 31.82 22.05 -3.31
C THR C 197 30.67 21.23 -3.86
N ALA C 198 30.05 21.72 -4.93
CA ALA C 198 29.04 20.98 -5.67
C ALA C 198 29.64 20.49 -6.99
N LYS C 199 29.67 19.17 -7.18
CA LYS C 199 30.16 18.55 -8.40
C LYS C 199 29.04 17.66 -8.95
N TYR C 200 28.58 17.97 -10.16
CA TYR C 200 27.34 17.36 -10.66
C TYR C 200 27.26 17.47 -12.17
N VAL C 201 26.29 16.76 -12.74
CA VAL C 201 26.07 16.71 -14.19
C VAL C 201 24.78 17.46 -14.50
N ARG C 202 24.89 18.62 -15.16
CA ARG C 202 23.67 19.31 -15.54
C ARG C 202 23.27 19.11 -17.00
N ASN C 203 23.97 19.73 -17.94
CA ASN C 203 23.62 19.61 -19.35
C ASN C 203 24.63 18.76 -20.10
N ASN C 204 24.71 17.47 -19.75
CA ASN C 204 25.67 16.51 -20.32
C ASN C 204 27.12 16.94 -20.07
N MET C 205 27.37 17.62 -18.95
CA MET C 205 28.69 18.12 -18.60
C MET C 205 28.84 18.06 -17.09
N GLU C 206 30.04 17.69 -16.63
CA GLU C 206 30.37 17.70 -15.21
C GLU C 206 30.78 19.11 -14.80
N SER C 207 29.95 19.77 -14.00
CA SER C 207 30.25 21.12 -13.53
C SER C 207 30.65 21.07 -12.06
N THR C 208 31.61 21.92 -11.69
CA THR C 208 32.13 22.00 -10.34
C THR C 208 32.01 23.44 -9.86
N ALA C 209 31.36 23.63 -8.73
CA ALA C 209 31.16 24.94 -8.13
C ALA C 209 31.77 24.96 -6.74
N PHE C 210 32.60 25.96 -6.47
CA PHE C 210 33.24 26.15 -5.17
C PHE C 210 32.57 27.31 -4.46
N HIS C 211 32.20 27.10 -3.20
CA HIS C 211 31.63 28.17 -2.40
C HIS C 211 32.67 29.24 -2.10
N ARG C 212 32.31 30.49 -2.38
CA ARG C 212 33.11 31.70 -2.17
C ARG C 212 34.37 31.70 -3.06
N ASP C 213 34.38 30.85 -4.09
CA ASP C 213 35.52 30.60 -4.97
C ASP C 213 36.78 30.23 -4.19
N ASP C 214 36.58 29.46 -3.12
CA ASP C 214 37.60 29.13 -2.15
C ASP C 214 37.73 27.61 -2.12
N ASP C 215 38.77 27.11 -1.45
CA ASP C 215 39.04 25.68 -1.46
C ASP C 215 38.01 24.90 -0.64
N GLU C 216 38.05 23.57 -0.80
CA GLU C 216 37.05 22.70 -0.22
C GLU C 216 37.13 22.69 1.30
N SER C 217 35.99 22.84 1.95
CA SER C 217 35.90 22.76 3.39
C SER C 217 34.62 22.02 3.77
N ASP C 218 34.68 21.33 4.90
CA ASP C 218 33.50 20.68 5.45
C ASP C 218 32.77 21.66 6.34
N MET C 219 31.54 22.00 5.96
CA MET C 219 30.79 23.04 6.63
C MET C 219 29.59 22.46 7.37
N LYS C 220 29.37 22.94 8.58
CA LYS C 220 28.37 22.36 9.47
C LYS C 220 26.95 22.72 9.05
N LEU C 221 26.07 21.72 9.06
CA LEU C 221 24.65 21.94 8.84
C LEU C 221 23.99 22.43 10.12
N LYS C 222 23.29 23.56 10.02
CA LYS C 222 22.65 24.25 11.12
C LYS C 222 21.17 24.44 10.82
N PRO C 223 20.30 24.53 11.85
CA PRO C 223 18.85 24.63 11.59
C PRO C 223 18.45 25.91 10.87
N ALA C 224 17.49 25.77 9.97
CA ALA C 224 16.97 26.89 9.23
C ALA C 224 16.08 27.77 10.11
N LYS C 225 15.76 28.96 9.60
CA LYS C 225 14.91 29.89 10.34
C LYS C 225 13.49 29.36 10.44
N ALA C 226 12.85 29.63 11.57
CA ALA C 226 11.56 29.02 11.87
C ALA C 226 10.44 29.69 11.07
N ALA C 227 9.65 28.86 10.39
CA ALA C 227 8.42 29.28 9.75
C ALA C 227 7.28 28.44 10.32
N THR C 228 6.07 28.98 10.23
CA THR C 228 4.95 28.52 11.06
C THR C 228 4.48 27.10 10.78
N ARG C 229 3.88 26.83 9.63
CA ARG C 229 3.49 25.47 9.27
C ARG C 229 4.47 24.86 8.27
N THR C 230 5.72 24.71 8.70
CA THR C 230 6.73 24.09 7.86
C THR C 230 7.36 22.94 8.61
N SER C 231 8.16 22.17 7.89
CA SER C 231 8.85 21.02 8.47
C SER C 231 10.30 21.38 8.72
N ARG C 232 11.06 20.38 9.17
CA ARG C 232 12.42 20.61 9.63
C ARG C 232 13.39 20.70 8.46
N GLY C 233 14.17 21.75 8.44
CA GLY C 233 15.15 21.95 7.39
C GLY C 233 16.46 22.47 7.97
N TRP C 234 17.54 22.13 7.29
CA TRP C 234 18.89 22.50 7.71
C TRP C 234 19.66 23.03 6.52
N HIS C 235 20.58 23.94 6.77
CA HIS C 235 21.37 24.51 5.69
C HIS C 235 22.74 24.92 6.21
N THR C 236 23.56 25.44 5.31
CA THR C 236 24.97 25.72 5.55
C THR C 236 25.30 27.20 5.61
N THR C 237 24.90 27.99 4.61
CA THR C 237 25.23 29.40 4.55
C THR C 237 23.96 30.25 4.54
N ASP C 238 24.03 31.41 5.18
CA ASP C 238 22.93 32.36 5.21
C ASP C 238 23.10 33.49 4.20
N LEU C 239 24.32 33.82 3.80
CA LEU C 239 24.57 34.95 2.93
C LEU C 239 24.94 34.48 1.53
N LYS C 240 24.60 35.29 0.54
CA LYS C 240 25.04 35.08 -0.82
C LYS C 240 26.39 35.75 -1.02
N TYR C 241 27.30 35.07 -1.69
CA TYR C 241 28.60 35.63 -1.99
C TYR C 241 28.55 36.40 -3.31
N ASN C 242 28.97 37.66 -3.24
CA ASN C 242 29.12 38.52 -4.40
C ASN C 242 30.58 38.94 -4.49
N PRO C 243 31.11 39.13 -5.70
CA PRO C 243 32.52 39.50 -5.83
C PRO C 243 32.78 40.92 -5.37
N SER C 244 34.02 41.16 -4.96
CA SER C 244 34.43 42.48 -4.49
C SER C 244 34.51 43.46 -5.67
N ARG C 245 34.44 44.73 -5.33
CA ARG C 245 34.43 45.79 -6.33
C ARG C 245 35.83 46.09 -6.82
N ILE C 246 36.05 45.92 -8.13
CA ILE C 246 37.08 46.64 -8.86
C ILE C 246 36.42 47.25 -10.09
N GLU C 247 36.79 48.49 -10.39
CA GLU C 247 35.95 49.36 -11.20
C GLU C 247 36.00 48.97 -12.68
N ALA C 248 34.86 49.13 -13.36
CA ALA C 248 34.69 48.96 -14.79
C ALA C 248 34.97 47.55 -15.26
N PHE C 249 34.71 46.55 -14.40
CA PHE C 249 34.84 45.15 -14.75
C PHE C 249 33.53 44.41 -14.52
N HIS C 250 33.39 43.29 -15.22
CA HIS C 250 32.40 42.26 -14.91
C HIS C 250 33.10 41.20 -14.07
N ARG C 251 32.52 40.87 -12.92
CA ARG C 251 33.08 39.85 -12.06
C ARG C 251 32.02 38.82 -11.70
N TYR C 252 32.47 37.60 -11.46
CA TYR C 252 31.62 36.46 -11.14
C TYR C 252 31.79 36.08 -9.68
N GLY C 253 30.71 35.62 -9.05
CA GLY C 253 30.77 35.17 -7.68
C GLY C 253 29.87 33.99 -7.37
N THR C 254 30.37 32.98 -6.66
CA THR C 254 29.69 31.69 -6.52
C THR C 254 29.33 31.43 -5.06
N THR C 255 28.08 31.06 -4.82
CA THR C 255 27.60 30.63 -3.51
C THR C 255 27.07 29.21 -3.61
N VAL C 256 27.53 28.33 -2.73
CA VAL C 256 27.04 26.96 -2.64
C VAL C 256 26.44 26.77 -1.25
N ASN C 257 25.13 26.58 -1.18
CA ASN C 257 24.41 26.35 0.06
C ASN C 257 23.85 24.94 0.07
N CYS C 258 24.40 24.09 0.93
CA CYS C 258 23.96 22.71 1.09
C CYS C 258 22.71 22.67 1.96
N ILE C 259 21.61 22.15 1.43
CA ILE C 259 20.31 22.20 2.09
C ILE C 259 19.80 20.77 2.26
N VAL C 260 19.42 20.43 3.49
CA VAL C 260 18.74 19.18 3.80
C VAL C 260 17.39 19.56 4.41
N GLU C 261 16.31 18.97 3.91
CA GLU C 261 15.00 19.20 4.50
C GLU C 261 14.19 17.92 4.52
N GLU C 262 13.43 17.73 5.60
CA GLU C 262 12.53 16.59 5.76
C GLU C 262 11.17 16.98 5.21
N VAL C 263 10.70 16.24 4.22
CA VAL C 263 9.47 16.57 3.52
C VAL C 263 8.49 15.42 3.65
N GLU C 264 7.25 15.72 3.34
CA GLU C 264 6.19 14.73 3.27
C GLU C 264 5.99 14.32 1.83
N ALA C 265 5.87 13.03 1.58
CA ALA C 265 5.76 12.49 0.23
C ALA C 265 4.43 11.77 0.06
N ARG C 266 3.90 11.84 -1.16
CA ARG C 266 2.54 11.40 -1.48
C ARG C 266 2.55 10.60 -2.77
N SER C 267 1.82 9.48 -2.78
CA SER C 267 1.68 8.67 -3.98
C SER C 267 0.25 8.16 -4.10
N VAL C 268 -0.25 8.13 -5.34
CA VAL C 268 -1.59 7.66 -5.63
C VAL C 268 -1.46 6.36 -6.43
N TYR C 269 -2.57 5.62 -6.51
CA TYR C 269 -2.62 4.36 -7.25
C TYR C 269 -2.31 4.59 -8.72
N PRO C 270 -1.54 3.71 -9.38
CA PRO C 270 -0.97 2.40 -9.01
C PRO C 270 0.40 2.43 -8.34
N TYR C 271 0.76 3.56 -7.74
CA TYR C 271 1.95 3.73 -6.90
C TYR C 271 3.24 3.48 -7.69
N ASP C 272 3.32 4.09 -8.87
CA ASP C 272 4.50 4.04 -9.71
C ASP C 272 5.29 5.34 -9.71
N GLU C 273 4.77 6.38 -9.06
CA GLU C 273 5.41 7.67 -8.93
C GLU C 273 5.12 8.17 -7.53
N PHE C 274 5.84 9.20 -7.09
CA PHE C 274 5.41 9.95 -5.93
C PHE C 274 5.84 11.39 -6.07
N VAL C 275 5.24 12.25 -5.25
CA VAL C 275 5.51 13.67 -5.26
C VAL C 275 6.11 14.04 -3.91
N LEU C 276 6.73 15.21 -3.87
CA LEU C 276 7.27 15.78 -2.65
C LEU C 276 6.52 17.06 -2.33
N ALA C 277 6.72 17.56 -1.11
CA ALA C 277 6.02 18.76 -0.67
C ALA C 277 6.52 20.01 -1.38
N THR C 278 7.72 19.95 -1.96
CA THR C 278 8.23 21.05 -2.78
C THR C 278 7.45 21.16 -4.09
N GLY C 279 6.88 20.07 -4.55
CA GLY C 279 6.25 20.00 -5.85
C GLY C 279 7.02 19.23 -6.87
N ASP C 280 7.96 18.40 -6.45
CA ASP C 280 8.87 17.69 -7.35
C ASP C 280 8.39 16.26 -7.55
N PHE C 281 8.13 15.90 -8.80
CA PHE C 281 7.77 14.53 -9.15
C PHE C 281 9.00 13.64 -9.06
N VAL C 282 8.84 12.47 -8.48
CA VAL C 282 9.87 11.43 -8.53
C VAL C 282 9.26 10.25 -9.27
N TYR C 283 9.83 9.90 -10.41
CA TYR C 283 9.24 8.90 -11.30
C TYR C 283 9.78 7.50 -10.96
N MET C 284 9.59 7.13 -9.70
CA MET C 284 9.92 5.82 -9.17
C MET C 284 8.84 5.46 -8.18
N SER C 285 8.51 4.17 -8.12
CA SER C 285 7.62 3.67 -7.10
C SER C 285 8.24 3.88 -5.72
N PRO C 286 7.43 4.18 -4.69
CA PRO C 286 7.95 4.21 -3.31
C PRO C 286 8.40 2.85 -2.82
N PHE C 287 7.99 1.77 -3.48
CA PHE C 287 8.24 0.41 -3.06
C PHE C 287 9.26 -0.29 -3.95
N TYR C 288 9.92 0.47 -4.82
CA TYR C 288 10.98 -0.10 -5.63
C TYR C 288 12.19 -0.41 -4.78
N GLY C 289 12.94 -1.44 -5.18
CA GLY C 289 14.19 -1.75 -4.54
C GLY C 289 14.83 -2.93 -5.21
N TYR C 290 16.06 -3.20 -4.82
CA TYR C 290 16.74 -4.37 -5.35
C TYR C 290 16.54 -5.61 -4.50
N ARG C 291 16.14 -5.44 -3.24
CA ARG C 291 15.97 -6.54 -2.32
C ARG C 291 14.51 -6.97 -2.27
N ASP C 292 14.31 -8.25 -1.93
CA ASP C 292 13.02 -8.81 -1.48
C ASP C 292 11.93 -8.73 -2.54
N GLY C 293 12.30 -8.86 -3.81
CA GLY C 293 11.31 -8.88 -4.87
C GLY C 293 10.72 -7.54 -5.22
N ALA C 294 11.37 -6.46 -4.82
CA ALA C 294 10.87 -5.11 -5.04
C ALA C 294 11.25 -4.55 -6.39
N HIS C 295 12.00 -5.29 -7.20
CA HIS C 295 12.42 -4.85 -8.52
C HIS C 295 11.32 -4.98 -9.57
N ALA C 296 10.18 -5.55 -9.23
CA ALA C 296 9.04 -5.61 -10.12
C ALA C 296 8.29 -4.30 -10.22
N GLU C 297 8.67 -3.30 -9.42
CA GLU C 297 8.02 -2.00 -9.40
C GLU C 297 8.54 -1.15 -10.56
N HIS C 298 8.07 0.09 -10.63
CA HIS C 298 8.40 0.99 -11.73
C HIS C 298 9.50 1.95 -11.34
N THR C 299 10.49 2.07 -12.24
CA THR C 299 11.49 3.12 -12.16
C THR C 299 11.70 3.70 -13.56
N ALA C 300 11.90 5.00 -13.62
CA ALA C 300 12.20 5.69 -14.87
C ALA C 300 13.64 6.13 -14.95
N TYR C 301 14.47 5.71 -14.00
CA TYR C 301 15.83 6.18 -13.86
C TYR C 301 16.82 5.07 -14.19
N ALA C 302 18.05 5.47 -14.50
CA ALA C 302 19.12 4.52 -14.68
C ALA C 302 19.49 3.88 -13.35
N ALA C 303 20.04 2.67 -13.43
CA ALA C 303 20.26 1.85 -12.24
C ALA C 303 21.37 2.38 -11.35
N ASP C 304 22.29 3.16 -11.88
CA ASP C 304 23.36 3.74 -11.07
C ASP C 304 22.92 4.95 -10.26
N ARG C 305 21.68 5.40 -10.43
CA ARG C 305 21.13 6.49 -9.63
C ARG C 305 20.49 6.03 -8.34
N PHE C 306 20.20 4.73 -8.19
CA PHE C 306 19.45 4.21 -7.06
C PHE C 306 20.30 3.22 -6.29
N ARG C 307 20.31 3.36 -4.96
CA ARG C 307 21.01 2.45 -4.07
C ARG C 307 20.18 2.20 -2.83
N GLN C 308 20.38 1.04 -2.22
CA GLN C 308 19.79 0.68 -0.94
C GLN C 308 20.87 0.41 0.09
N VAL C 309 20.62 0.86 1.32
CA VAL C 309 21.52 0.66 2.44
C VAL C 309 20.77 -0.08 3.54
N ASP C 310 21.20 -1.29 3.86
CA ASP C 310 20.68 -2.01 5.01
C ASP C 310 21.52 -1.70 6.24
N GLY C 311 20.88 -1.81 7.40
CA GLY C 311 21.53 -1.45 8.64
C GLY C 311 21.78 0.03 8.76
N TYR C 312 20.83 0.84 8.32
CA TYR C 312 20.99 2.29 8.26
C TYR C 312 20.51 2.92 9.56
N TYR C 313 21.34 3.77 10.14
CA TYR C 313 21.03 4.43 11.40
C TYR C 313 20.97 5.93 11.17
N GLU C 314 19.77 6.50 11.28
CA GLU C 314 19.60 7.94 11.20
C GLU C 314 20.28 8.63 12.38
N ARG C 315 21.09 9.63 12.08
CA ARG C 315 21.56 10.58 13.08
C ARG C 315 20.80 11.87 12.86
N ASP C 316 20.10 12.33 13.89
CA ASP C 316 19.29 13.53 13.77
C ASP C 316 20.19 14.73 13.61
N LEU C 317 19.86 15.61 12.67
CA LEU C 317 20.70 16.76 12.37
C LEU C 317 20.61 17.82 13.45
N SER C 318 19.57 17.79 14.28
CA SER C 318 19.41 18.73 15.39
C SER C 318 20.08 18.20 16.66
N THR C 319 19.68 17.02 17.11
CA THR C 319 20.15 16.51 18.39
C THR C 319 21.50 15.82 18.29
N GLY C 320 21.80 15.22 17.13
CA GLY C 320 23.03 14.46 16.99
C GLY C 320 22.96 13.04 17.48
N ARG C 321 21.77 12.55 17.84
CA ARG C 321 21.62 11.22 18.42
C ARG C 321 21.37 10.20 17.33
N ARG C 322 22.20 9.16 17.30
CA ARG C 322 22.03 8.08 16.36
C ARG C 322 20.87 7.19 16.79
N ALA C 323 20.08 6.75 15.81
CA ALA C 323 18.91 5.94 16.09
C ALA C 323 19.28 4.54 16.56
N SER C 324 18.34 3.88 17.22
CA SER C 324 18.58 2.57 17.80
C SER C 324 18.18 1.43 16.87
N THR C 325 17.05 1.55 16.21
CA THR C 325 16.54 0.54 15.30
C THR C 325 17.03 0.83 13.89
N PRO C 326 17.66 -0.14 13.21
CA PRO C 326 18.11 0.09 11.83
C PRO C 326 16.93 0.09 10.87
N ALA C 327 17.20 0.59 9.66
CA ALA C 327 16.20 0.67 8.61
C ALA C 327 16.84 0.33 7.28
N THR C 328 15.99 0.06 6.29
CA THR C 328 16.41 -0.10 4.92
C THR C 328 16.19 1.23 4.22
N ARG C 329 17.27 1.84 3.74
CA ARG C 329 17.25 3.22 3.26
C ARG C 329 17.35 3.23 1.75
N ASN C 330 16.32 3.73 1.09
CA ASN C 330 16.40 4.02 -0.34
C ASN C 330 17.08 5.36 -0.54
N LEU C 331 17.88 5.46 -1.59
CA LEU C 331 18.52 6.72 -1.97
C LEU C 331 18.57 6.81 -3.49
N LEU C 332 17.93 7.85 -4.03
CA LEU C 332 17.83 8.07 -5.46
C LEU C 332 18.39 9.45 -5.79
N THR C 333 19.28 9.50 -6.78
CA THR C 333 19.89 10.75 -7.22
C THR C 333 19.17 11.20 -8.50
N THR C 334 18.24 12.12 -8.35
CA THR C 334 17.61 12.80 -9.47
C THR C 334 18.57 13.88 -9.97
N PRO C 335 18.37 14.42 -11.18
CA PRO C 335 19.27 15.49 -11.65
C PRO C 335 19.13 16.82 -10.91
N LYS C 336 18.18 16.99 -10.00
CA LYS C 336 18.09 18.20 -9.19
C LYS C 336 18.35 17.97 -7.71
N PHE C 337 18.16 16.76 -7.20
CA PHE C 337 18.25 16.49 -5.78
C PHE C 337 18.45 15.00 -5.54
N THR C 338 18.90 14.68 -4.33
CA THR C 338 18.88 13.32 -3.80
C THR C 338 17.76 13.21 -2.78
N VAL C 339 16.94 12.19 -2.90
CA VAL C 339 15.91 11.89 -1.90
C VAL C 339 16.22 10.56 -1.24
N GLY C 340 15.97 10.51 0.06
CA GLY C 340 16.07 9.29 0.83
C GLY C 340 14.78 9.01 1.55
N TRP C 341 14.40 7.74 1.60
CA TRP C 341 13.22 7.34 2.35
C TRP C 341 13.38 5.89 2.76
N ASP C 342 12.73 5.52 3.86
CA ASP C 342 12.82 4.17 4.38
C ASP C 342 11.96 3.24 3.55
N TRP C 343 12.55 2.13 3.10
CA TRP C 343 11.81 1.16 2.31
C TRP C 343 10.83 0.38 3.19
N ALA C 344 9.65 0.14 2.65
CA ALA C 344 8.61 -0.68 3.25
C ALA C 344 7.96 -1.50 2.15
N PRO C 345 7.55 -2.73 2.44
CA PRO C 345 6.89 -3.55 1.41
C PRO C 345 5.52 -3.01 1.05
N LYS C 346 5.11 -3.31 -0.19
CA LYS C 346 3.97 -2.62 -0.79
C LYS C 346 2.64 -3.07 -0.20
N ARG C 347 2.39 -4.38 -0.19
CA ARG C 347 1.09 -4.94 0.17
C ARG C 347 0.66 -4.74 1.63
N PRO C 348 1.51 -4.84 2.66
CA PRO C 348 1.05 -4.46 3.99
C PRO C 348 0.95 -2.96 4.24
N SER C 349 1.34 -2.11 3.29
CA SER C 349 1.36 -0.68 3.51
C SER C 349 0.41 0.09 2.60
N VAL C 350 -0.35 -0.61 1.76
CA VAL C 350 -1.21 -0.01 0.75
C VAL C 350 -2.50 -0.82 0.68
N CYS C 351 -3.63 -0.13 0.71
CA CYS C 351 -4.91 -0.76 0.51
C CYS C 351 -5.78 0.16 -0.33
N THR C 352 -6.42 -0.40 -1.36
CA THR C 352 -7.29 0.36 -2.24
C THR C 352 -8.73 0.40 -1.75
N LEU C 353 -8.95 0.24 -0.45
CA LEU C 353 -10.30 0.17 0.09
C LEU C 353 -10.21 0.59 1.55
N THR C 354 -11.06 1.53 1.97
CA THR C 354 -10.95 2.19 3.27
C THR C 354 -12.14 1.84 4.15
N LYS C 355 -11.88 1.54 5.42
CA LYS C 355 -12.96 1.29 6.37
C LYS C 355 -13.76 2.56 6.64
N TRP C 356 -15.07 2.46 6.53
CA TRP C 356 -15.96 3.60 6.65
C TRP C 356 -16.85 3.54 7.88
N GLN C 357 -17.59 2.45 8.08
CA GLN C 357 -18.50 2.36 9.21
C GLN C 357 -18.40 0.99 9.86
N GLU C 358 -18.36 0.98 11.19
CA GLU C 358 -18.56 -0.21 11.99
C GLU C 358 -19.94 -0.15 12.60
N VAL C 359 -20.72 -1.21 12.47
CA VAL C 359 -22.09 -1.24 12.96
C VAL C 359 -22.32 -2.52 13.77
N ASP C 360 -22.85 -2.35 14.98
CA ASP C 360 -23.05 -3.48 15.88
C ASP C 360 -24.20 -4.36 15.41
N GLU C 361 -25.30 -3.73 15.01
CA GLU C 361 -26.54 -4.43 14.69
C GLU C 361 -26.79 -4.27 13.19
N MET C 362 -26.42 -5.27 12.41
CA MET C 362 -26.69 -5.28 10.98
C MET C 362 -27.60 -6.45 10.69
N LEU C 363 -28.84 -6.17 10.31
CA LEU C 363 -29.79 -7.21 9.97
C LEU C 363 -29.67 -7.55 8.50
N ARG C 364 -29.69 -8.85 8.20
CA ARG C 364 -29.65 -9.33 6.82
C ARG C 364 -30.95 -10.02 6.51
N ALA C 365 -31.56 -9.65 5.39
CA ALA C 365 -32.81 -10.23 4.95
C ALA C 365 -32.65 -10.73 3.53
N GLU C 366 -33.58 -11.58 3.14
CA GLU C 366 -33.59 -12.21 1.82
C GLU C 366 -34.60 -11.48 0.94
N TYR C 367 -34.16 -11.04 -0.23
CA TYR C 367 -34.97 -10.24 -1.15
C TYR C 367 -34.94 -10.86 -2.55
N GLY C 368 -35.26 -12.15 -2.63
CA GLY C 368 -35.27 -12.83 -3.89
C GLY C 368 -33.88 -13.22 -4.33
N PRO C 369 -33.39 -12.63 -5.43
CA PRO C 369 -32.02 -12.90 -5.88
C PRO C 369 -30.95 -12.16 -5.09
N SER C 370 -31.31 -11.46 -4.02
CA SER C 370 -30.43 -10.48 -3.40
C SER C 370 -30.53 -10.57 -1.90
N PHE C 371 -29.48 -10.11 -1.22
CA PHE C 371 -29.58 -9.81 0.20
C PHE C 371 -29.90 -8.34 0.40
N ARG C 372 -30.44 -8.04 1.58
CA ARG C 372 -30.76 -6.68 1.97
C ARG C 372 -30.21 -6.47 3.38
N PHE C 373 -29.20 -5.61 3.49
CA PHE C 373 -28.45 -5.38 4.73
C PHE C 373 -28.87 -4.05 5.32
N SER C 374 -29.54 -4.06 6.47
CA SER C 374 -30.07 -2.83 7.05
C SER C 374 -29.43 -2.51 8.39
N SER C 375 -29.25 -1.22 8.65
CA SER C 375 -28.78 -0.70 9.93
C SER C 375 -29.80 0.29 10.47
N SER C 376 -30.11 0.17 11.76
CA SER C 376 -30.96 1.15 12.42
C SER C 376 -30.19 2.35 12.95
N ALA C 377 -28.90 2.18 13.23
CA ALA C 377 -28.09 3.28 13.72
C ALA C 377 -27.71 4.24 12.60
N LEU C 378 -27.30 3.70 11.46
CA LEU C 378 -26.96 4.54 10.32
C LEU C 378 -28.18 4.94 9.50
N SER C 379 -29.31 4.25 9.70
CA SER C 379 -30.55 4.41 8.94
C SER C 379 -30.30 4.25 7.45
N THR C 380 -29.51 3.24 7.10
CA THR C 380 -29.17 2.89 5.74
C THR C 380 -29.54 1.44 5.51
N THR C 381 -29.87 1.10 4.26
CA THR C 381 -29.93 -0.30 3.88
C THR C 381 -29.37 -0.51 2.48
N PHE C 382 -28.60 -1.57 2.33
CA PHE C 382 -27.79 -1.86 1.15
C PHE C 382 -28.30 -3.14 0.49
N THR C 383 -28.04 -3.25 -0.81
CA THR C 383 -28.51 -4.38 -1.61
C THR C 383 -27.32 -5.06 -2.27
N THR C 384 -27.08 -6.32 -1.92
CA THR C 384 -25.99 -7.13 -2.46
C THR C 384 -26.58 -8.33 -3.18
N ASN C 385 -25.77 -9.01 -3.97
CA ASN C 385 -26.17 -10.32 -4.47
C ASN C 385 -26.03 -11.37 -3.36
N ARG C 386 -26.65 -12.54 -3.58
CA ARG C 386 -26.51 -13.61 -2.59
C ARG C 386 -25.14 -14.26 -2.62
N THR C 387 -24.48 -14.26 -3.78
CA THR C 387 -23.15 -14.85 -3.87
C THR C 387 -22.11 -13.85 -3.36
N GLU C 388 -21.14 -14.35 -2.62
CA GLU C 388 -20.17 -13.49 -1.97
C GLU C 388 -19.16 -12.92 -2.95
N TYR C 389 -18.61 -11.77 -2.59
CA TYR C 389 -17.53 -11.17 -3.34
C TYR C 389 -16.22 -11.78 -2.86
N ALA C 390 -15.38 -12.19 -3.81
CA ALA C 390 -14.10 -12.80 -3.47
C ALA C 390 -13.04 -11.72 -3.26
N LEU C 391 -12.28 -11.85 -2.19
CA LEU C 391 -11.18 -10.94 -1.88
C LEU C 391 -9.94 -11.22 -2.70
N SER C 392 -9.95 -12.25 -3.54
CA SER C 392 -8.95 -12.40 -4.58
C SER C 392 -9.18 -11.45 -5.74
N ARG C 393 -10.34 -10.79 -5.80
CA ARG C 393 -10.66 -9.89 -6.90
C ARG C 393 -10.22 -8.46 -6.63
N VAL C 394 -10.12 -8.05 -5.37
CA VAL C 394 -9.73 -6.69 -5.05
C VAL C 394 -8.23 -6.54 -5.21
N ASP C 395 -7.83 -5.51 -5.96
CA ASP C 395 -6.42 -5.24 -6.22
C ASP C 395 -5.85 -4.46 -5.05
N LEU C 396 -4.80 -4.99 -4.44
CA LEU C 396 -4.15 -4.46 -3.23
C LEU C 396 -5.17 -4.30 -2.11
N GLY C 397 -5.79 -5.41 -1.74
CA GLY C 397 -6.83 -5.39 -0.74
C GLY C 397 -6.54 -6.21 0.50
N ASP C 398 -5.31 -6.14 1.01
CA ASP C 398 -4.93 -6.94 2.16
C ASP C 398 -5.38 -6.32 3.48
N CYS C 399 -5.80 -5.06 3.48
CA CYS C 399 -6.25 -4.42 4.71
C CYS C 399 -7.65 -4.85 5.11
N VAL C 400 -8.42 -5.44 4.19
CA VAL C 400 -9.84 -5.66 4.40
C VAL C 400 -10.07 -6.75 5.44
N GLY C 401 -9.54 -7.95 5.19
CA GLY C 401 -9.72 -9.06 6.11
C GLY C 401 -9.06 -8.87 7.46
N ARG C 402 -8.02 -8.05 7.52
CA ARG C 402 -7.38 -7.76 8.80
C ARG C 402 -8.18 -6.76 9.63
N GLU C 403 -8.65 -5.68 9.00
CA GLU C 403 -9.43 -4.67 9.71
C GLU C 403 -10.86 -5.12 9.98
N ALA C 404 -11.40 -6.03 9.17
CA ALA C 404 -12.71 -6.60 9.48
C ALA C 404 -12.64 -7.50 10.70
N ARG C 405 -11.64 -8.38 10.75
CA ARG C 405 -11.50 -9.33 11.84
C ARG C 405 -11.15 -8.64 13.16
N GLU C 406 -10.43 -7.53 13.09
CA GLU C 406 -10.09 -6.80 14.30
C GLU C 406 -11.29 -6.05 14.85
N ALA C 407 -12.22 -5.65 14.00
CA ALA C 407 -13.39 -4.93 14.44
C ALA C 407 -14.56 -5.83 14.79
N VAL C 408 -14.62 -7.03 14.21
CA VAL C 408 -15.71 -7.96 14.53
C VAL C 408 -15.55 -8.50 15.95
N ASP C 409 -14.34 -8.96 16.30
CA ASP C 409 -14.15 -9.54 17.62
C ASP C 409 -14.10 -8.49 18.72
N ARG C 410 -13.81 -7.23 18.38
CA ARG C 410 -13.88 -6.18 19.39
C ARG C 410 -15.34 -5.84 19.70
N ILE C 411 -16.22 -5.89 18.70
CA ILE C 411 -17.63 -5.62 18.91
C ILE C 411 -18.29 -6.81 19.60
N PHE C 412 -17.87 -8.03 19.26
CA PHE C 412 -18.48 -9.23 19.83
C PHE C 412 -18.17 -9.37 21.32
N LEU C 413 -17.04 -8.84 21.78
CA LEU C 413 -16.68 -8.90 23.18
C LEU C 413 -17.20 -7.73 24.00
N ARG C 414 -17.87 -6.78 23.36
CA ARG C 414 -18.44 -5.60 24.05
C ARG C 414 -19.97 -5.54 23.89
N ARG C 415 -20.56 -6.39 23.08
CA ARG C 415 -21.97 -6.25 22.76
C ARG C 415 -22.69 -7.62 22.74
N TYR C 416 -21.98 -8.67 22.35
CA TYR C 416 -22.61 -9.96 22.09
C TYR C 416 -21.86 -11.08 22.78
N ASN C 417 -21.34 -10.85 23.98
CA ASN C 417 -20.43 -11.83 24.59
C ASN C 417 -21.19 -13.03 25.14
N GLY C 418 -22.08 -12.79 26.10
CA GLY C 418 -22.84 -13.85 26.72
C GLY C 418 -24.23 -14.06 26.20
N THR C 419 -24.66 -13.27 25.21
CA THR C 419 -26.00 -13.38 24.67
C THR C 419 -26.06 -14.00 23.28
N HIS C 420 -24.94 -14.07 22.56
CA HIS C 420 -24.94 -14.55 21.19
C HIS C 420 -23.69 -15.38 20.92
N VAL C 421 -23.71 -16.10 19.81
CA VAL C 421 -22.58 -16.88 19.35
C VAL C 421 -22.43 -16.64 17.84
N LYS C 422 -21.19 -16.70 17.37
CA LYS C 422 -20.92 -16.52 15.95
C LYS C 422 -21.34 -17.76 15.16
N VAL C 423 -21.65 -17.56 13.89
CA VAL C 423 -21.96 -18.64 12.95
C VAL C 423 -21.03 -18.48 11.76
N GLY C 424 -20.02 -19.35 11.68
CA GLY C 424 -19.11 -19.33 10.56
C GLY C 424 -18.12 -18.18 10.62
N GLN C 425 -17.37 -18.05 9.53
CA GLN C 425 -16.36 -17.00 9.40
C GLN C 425 -17.00 -15.73 8.82
N VAL C 426 -16.18 -14.69 8.65
CA VAL C 426 -16.68 -13.43 8.12
C VAL C 426 -16.95 -13.57 6.62
N GLN C 427 -18.06 -12.99 6.17
CA GLN C 427 -18.52 -13.10 4.81
C GLN C 427 -18.48 -11.72 4.17
N TYR C 428 -18.26 -11.67 2.87
CA TYR C 428 -17.98 -10.44 2.15
C TYR C 428 -18.97 -10.26 1.02
N TYR C 429 -19.55 -9.08 0.91
CA TYR C 429 -20.58 -8.81 -0.08
C TYR C 429 -20.35 -7.43 -0.70
N LEU C 430 -20.55 -7.35 -2.01
CA LEU C 430 -20.41 -6.10 -2.75
C LEU C 430 -21.81 -5.51 -2.91
N ALA C 431 -22.04 -4.36 -2.28
CA ALA C 431 -23.32 -3.69 -2.37
C ALA C 431 -23.36 -2.76 -3.56
N THR C 432 -24.58 -2.44 -3.99
CA THR C 432 -24.75 -1.46 -5.06
C THR C 432 -24.38 -0.07 -4.54
N GLY C 433 -23.79 0.73 -5.42
CA GLY C 433 -23.21 1.99 -5.04
C GLY C 433 -21.74 1.91 -4.66
N GLY C 434 -21.15 0.71 -4.63
CA GLY C 434 -19.73 0.57 -4.44
C GLY C 434 -19.27 0.37 -3.02
N PHE C 435 -20.05 -0.29 -2.18
CA PHE C 435 -19.69 -0.54 -0.79
C PHE C 435 -19.44 -2.02 -0.62
N LEU C 436 -18.31 -2.36 0.01
CA LEU C 436 -18.01 -3.75 0.36
C LEU C 436 -18.37 -3.96 1.82
N ILE C 437 -19.24 -4.93 2.08
CA ILE C 437 -19.74 -5.20 3.41
C ILE C 437 -19.13 -6.52 3.89
N ALA C 438 -18.34 -6.46 4.94
CA ALA C 438 -17.88 -7.65 5.63
C ALA C 438 -18.86 -7.99 6.73
N TYR C 439 -19.35 -9.23 6.75
CA TYR C 439 -20.48 -9.57 7.59
C TYR C 439 -20.18 -10.81 8.40
N GLN C 440 -20.35 -10.71 9.72
CA GLN C 440 -20.26 -11.84 10.62
C GLN C 440 -21.66 -12.25 11.07
N PRO C 441 -22.18 -13.40 10.66
CA PRO C 441 -23.47 -13.85 11.17
C PRO C 441 -23.41 -14.23 12.64
N LEU C 442 -24.53 -14.01 13.32
CA LEU C 442 -24.66 -14.27 14.75
C LEU C 442 -25.92 -15.08 15.01
N LEU C 443 -25.98 -15.67 16.21
CA LEU C 443 -27.13 -16.45 16.61
C LEU C 443 -27.21 -16.43 18.14
N SER C 444 -28.42 -16.28 18.65
CA SER C 444 -28.63 -16.10 20.08
C SER C 444 -28.51 -17.43 20.83
N ASN C 445 -28.25 -17.33 22.13
CA ASN C 445 -28.05 -18.51 22.95
C ASN C 445 -29.35 -19.28 23.23
N ALA C 446 -30.51 -18.70 22.93
CA ALA C 446 -31.77 -19.40 23.11
C ALA C 446 -32.18 -20.19 21.87
N LEU C 447 -31.42 -20.09 20.78
CA LEU C 447 -31.80 -20.70 19.51
C LEU C 447 -30.74 -21.70 19.03
N VAL C 448 -29.98 -22.29 19.95
CA VAL C 448 -28.90 -23.22 19.56
C VAL C 448 -29.51 -24.61 19.49
N GLU C 449 -30.11 -24.91 18.35
CA GLU C 449 -30.56 -26.27 18.05
C GLU C 449 -30.06 -26.70 16.68
N VAL C 479 -8.08 -8.76 -11.68
CA VAL C 479 -8.45 -7.95 -10.54
C VAL C 479 -9.17 -6.69 -11.00
N GLU C 480 -9.98 -6.10 -10.11
CA GLU C 480 -10.76 -4.92 -10.41
C GLU C 480 -10.65 -3.93 -9.24
N ARG C 481 -11.21 -2.74 -9.45
CA ARG C 481 -11.27 -1.71 -8.43
C ARG C 481 -12.72 -1.31 -8.20
N ILE C 482 -13.14 -1.30 -6.94
CA ILE C 482 -14.49 -0.91 -6.58
C ILE C 482 -14.60 0.60 -6.64
N LYS C 483 -15.62 1.09 -7.32
CA LYS C 483 -15.89 2.53 -7.43
C LYS C 483 -17.11 2.86 -6.59
N THR C 484 -16.95 3.76 -5.63
CA THR C 484 -17.99 4.09 -4.68
C THR C 484 -18.60 5.45 -5.02
N THR C 485 -19.93 5.51 -5.02
CA THR C 485 -20.63 6.78 -5.23
C THR C 485 -20.41 7.72 -4.04
N SER C 486 -20.50 9.02 -4.33
CA SER C 486 -20.35 10.03 -3.30
C SER C 486 -21.60 10.18 -2.44
N SER C 487 -22.75 9.73 -2.93
CA SER C 487 -24.02 9.90 -2.23
C SER C 487 -24.49 8.57 -1.67
N VAL C 488 -24.85 8.57 -0.39
CA VAL C 488 -25.40 7.39 0.27
C VAL C 488 -26.91 7.54 0.46
N GLU C 489 -27.51 8.60 -0.09
CA GLU C 489 -28.89 8.96 0.20
C GLU C 489 -29.91 7.96 -0.35
N PHE C 490 -29.52 7.16 -1.34
CA PHE C 490 -30.40 6.11 -1.84
C PHE C 490 -30.60 5.02 -0.79
N ALA C 491 -29.60 4.79 0.06
CA ALA C 491 -29.70 3.79 1.10
C ALA C 491 -30.48 4.32 2.30
N ARG C 492 -30.47 5.63 2.50
CA ARG C 492 -31.25 6.23 3.57
C ARG C 492 -32.70 6.45 3.14
N LEU C 493 -32.94 6.65 1.84
CA LEU C 493 -34.30 6.64 1.34
C LEU C 493 -34.86 5.23 1.29
N GLN C 494 -34.01 4.23 1.09
CA GLN C 494 -34.48 2.85 1.08
C GLN C 494 -34.82 2.38 2.49
N PHE C 495 -34.08 2.85 3.51
CA PHE C 495 -34.40 2.52 4.89
C PHE C 495 -35.71 3.14 5.32
N THR C 496 -35.88 4.45 5.08
CA THR C 496 -37.05 5.15 5.58
C THR C 496 -38.31 4.77 4.84
N TYR C 497 -38.22 4.39 3.56
CA TYR C 497 -39.40 3.88 2.87
C TYR C 497 -39.79 2.51 3.42
N ASP C 498 -38.81 1.64 3.65
CA ASP C 498 -39.12 0.31 4.16
C ASP C 498 -39.58 0.33 5.60
N HIS C 499 -39.11 1.27 6.40
CA HIS C 499 -39.52 1.34 7.79
C HIS C 499 -40.95 1.88 7.93
N ILE C 500 -41.42 2.66 6.98
CA ILE C 500 -42.81 3.12 6.97
C ILE C 500 -43.72 2.09 6.32
N GLN C 501 -43.27 1.49 5.21
CA GLN C 501 -44.04 0.48 4.48
C GLN C 501 -44.38 -0.72 5.36
N ARG C 502 -43.42 -1.19 6.15
CA ARG C 502 -43.64 -2.35 7.00
C ARG C 502 -44.61 -2.03 8.13
N HIS C 503 -44.60 -0.80 8.63
CA HIS C 503 -45.53 -0.42 9.67
C HIS C 503 -46.94 -0.21 9.12
N VAL C 504 -47.06 0.44 7.98
CA VAL C 504 -48.37 0.74 7.41
C VAL C 504 -49.03 -0.54 6.90
N ASN C 505 -48.25 -1.45 6.31
CA ASN C 505 -48.83 -2.71 5.85
C ASN C 505 -49.21 -3.63 7.01
N ASP C 506 -48.50 -3.52 8.14
CA ASP C 506 -48.84 -4.32 9.31
C ASP C 506 -50.14 -3.83 9.93
N MET C 507 -50.26 -2.52 10.14
CA MET C 507 -51.43 -1.99 10.83
C MET C 507 -52.68 -2.07 9.96
N LEU C 508 -52.55 -1.79 8.66
CA LEU C 508 -53.70 -1.90 7.78
C LEU C 508 -54.05 -3.36 7.48
N GLY C 509 -53.11 -4.28 7.65
CA GLY C 509 -53.44 -5.69 7.58
C GLY C 509 -54.22 -6.17 8.78
N ARG C 510 -54.01 -5.56 9.93
CA ARG C 510 -54.79 -5.91 11.12
C ARG C 510 -56.20 -5.34 11.04
N ILE C 511 -56.35 -4.17 10.42
CA ILE C 511 -57.68 -3.59 10.25
C ILE C 511 -58.47 -4.39 9.23
N ALA C 512 -57.80 -4.99 8.25
CA ALA C 512 -58.48 -5.87 7.29
C ALA C 512 -58.91 -7.18 7.94
N ILE C 513 -58.12 -7.70 8.88
CA ILE C 513 -58.51 -8.91 9.59
C ILE C 513 -59.65 -8.62 10.55
N ALA C 514 -59.56 -7.50 11.27
CA ALA C 514 -60.58 -7.18 12.26
C ALA C 514 -61.89 -6.76 11.62
N TRP C 515 -61.85 -6.22 10.40
CA TRP C 515 -63.08 -5.86 9.71
C TRP C 515 -63.82 -7.08 9.20
N CYS C 516 -63.08 -8.07 8.70
CA CYS C 516 -63.71 -9.29 8.24
C CYS C 516 -64.25 -10.12 9.40
N GLU C 517 -63.59 -10.06 10.55
CA GLU C 517 -64.08 -10.76 11.73
C GLU C 517 -65.33 -10.08 12.29
N LEU C 518 -65.44 -8.76 12.21
CA LEU C 518 -66.62 -8.07 12.79
C LEU C 518 -67.85 -8.28 11.91
N GLN C 519 -67.67 -8.34 10.61
CA GLN C 519 -68.81 -8.48 9.66
C GLN C 519 -69.37 -9.89 9.73
N ASN C 520 -68.56 -10.85 10.12
CA ASN C 520 -68.94 -12.27 10.15
C ASN C 520 -69.55 -12.51 11.51
N HIS C 521 -69.38 -11.57 12.41
CA HIS C 521 -69.86 -11.74 13.80
C HIS C 521 -71.21 -11.05 13.95
N GLU C 522 -71.56 -10.17 13.03
CA GLU C 522 -72.79 -9.37 13.15
C GLU C 522 -73.92 -10.11 12.44
N LEU C 523 -73.62 -11.21 11.76
CA LEU C 523 -74.63 -12.02 11.05
C LEU C 523 -75.50 -12.70 12.10
N THR C 524 -74.96 -12.92 13.30
CA THR C 524 -75.78 -13.50 14.39
C THR C 524 -76.93 -12.54 14.69
N LEU C 525 -76.65 -11.25 14.75
CA LEU C 525 -77.69 -10.23 15.06
C LEU C 525 -78.64 -10.01 13.89
N TRP C 526 -78.15 -10.15 12.68
CA TRP C 526 -78.97 -10.00 11.47
C TRP C 526 -79.92 -11.19 11.32
N ASN C 527 -79.54 -12.36 11.81
CA ASN C 527 -80.42 -13.55 11.74
C ASN C 527 -81.53 -13.47 12.79
N GLU C 528 -81.37 -12.67 13.84
CA GLU C 528 -82.42 -12.49 14.84
C GLU C 528 -83.28 -11.26 14.57
N ALA C 529 -82.70 -10.20 14.00
CA ALA C 529 -83.50 -9.06 13.60
C ALA C 529 -84.36 -9.35 12.38
N ARG C 530 -83.96 -10.34 11.58
CA ARG C 530 -84.75 -10.77 10.43
C ARG C 530 -86.08 -11.35 10.87
N LYS C 531 -86.13 -12.02 12.01
CA LYS C 531 -87.34 -12.67 12.49
C LYS C 531 -88.23 -11.73 13.28
N LEU C 532 -87.88 -10.45 13.40
CA LEU C 532 -88.68 -9.48 14.14
C LEU C 532 -89.37 -8.48 13.23
N ASN C 533 -88.60 -7.80 12.39
CA ASN C 533 -89.14 -6.92 11.37
C ASN C 533 -88.52 -7.36 10.05
N PRO C 534 -89.16 -8.29 9.35
CA PRO C 534 -88.59 -8.75 8.07
C PRO C 534 -88.62 -7.69 6.98
N ASN C 535 -89.56 -6.75 7.08
CA ASN C 535 -89.67 -5.69 6.08
C ASN C 535 -88.47 -4.76 6.13
N ALA C 536 -87.98 -4.44 7.32
CA ALA C 536 -86.86 -3.51 7.46
C ALA C 536 -85.54 -4.16 7.13
N ILE C 537 -85.38 -5.45 7.43
CA ILE C 537 -84.10 -6.12 7.23
C ILE C 537 -83.90 -6.44 5.75
N ALA C 538 -84.95 -6.85 5.05
CA ALA C 538 -84.82 -7.11 3.63
C ALA C 538 -84.71 -5.83 2.82
N SER C 539 -85.26 -4.73 3.32
CA SER C 539 -85.12 -3.46 2.61
C SER C 539 -83.72 -2.90 2.76
N ALA C 540 -83.04 -3.18 3.87
CA ALA C 540 -81.68 -2.72 4.06
C ALA C 540 -80.66 -3.58 3.34
N THR C 541 -81.02 -4.81 2.99
CA THR C 541 -80.09 -5.76 2.39
C THR C 541 -80.22 -5.87 0.87
N VAL C 542 -81.45 -5.92 0.36
CA VAL C 542 -81.65 -6.05 -1.09
C VAL C 542 -81.23 -4.78 -1.81
N GLY C 543 -81.73 -3.64 -1.36
CA GLY C 543 -81.32 -2.38 -1.95
C GLY C 543 -82.47 -1.42 -2.19
N ARG C 544 -83.65 -2.01 -2.23
CA ARG C 544 -84.87 -1.23 -2.51
C ARG C 544 -85.93 -1.58 -1.47
N ARG C 545 -86.94 -0.74 -1.38
CA ARG C 545 -87.96 -0.96 -0.37
C ARG C 545 -88.78 -2.19 -0.73
N VAL C 546 -88.71 -3.22 0.11
CA VAL C 546 -89.21 -4.56 -0.21
C VAL C 546 -90.04 -5.06 0.98
N SER C 547 -91.22 -5.59 0.69
CA SER C 547 -91.99 -6.32 1.69
C SER C 547 -91.53 -7.76 1.76
N ALA C 548 -91.44 -8.30 2.97
CA ALA C 548 -90.77 -9.58 3.18
C ALA C 548 -91.53 -10.46 4.17
N ARG C 549 -91.21 -11.75 4.11
CA ARG C 549 -91.74 -12.79 4.99
C ARG C 549 -90.77 -13.96 4.87
N MET C 550 -90.88 -14.93 5.77
CA MET C 550 -89.91 -16.01 5.82
C MET C 550 -90.58 -17.38 5.84
N LEU C 551 -89.79 -18.39 5.49
CA LEU C 551 -90.11 -19.79 5.78
C LEU C 551 -88.88 -20.56 6.27
N GLY C 552 -87.73 -19.92 6.38
CA GLY C 552 -86.44 -20.56 6.54
C GLY C 552 -85.42 -19.72 5.79
N ASP C 553 -85.92 -18.95 4.83
CA ASP C 553 -85.22 -17.79 4.28
C ASP C 553 -86.27 -16.77 3.86
N VAL C 554 -85.80 -15.56 3.55
CA VAL C 554 -86.71 -14.46 3.29
C VAL C 554 -87.31 -14.58 1.91
N MET C 555 -88.64 -14.74 1.85
CA MET C 555 -89.37 -14.55 0.61
C MET C 555 -89.75 -13.07 0.51
N ALA C 556 -89.60 -12.51 -0.68
CA ALA C 556 -89.56 -11.06 -0.79
C ALA C 556 -89.94 -10.64 -2.20
N VAL C 557 -90.94 -9.76 -2.31
CA VAL C 557 -91.30 -9.15 -3.58
C VAL C 557 -91.30 -7.63 -3.41
N SER C 558 -91.14 -6.92 -4.52
CA SER C 558 -90.95 -5.48 -4.54
C SER C 558 -92.22 -4.76 -4.07
N THR C 559 -92.05 -3.49 -3.74
CA THR C 559 -93.10 -2.78 -3.01
C THR C 559 -93.34 -1.40 -3.59
N GLN C 645 -102.49 17.11 16.12
CA GLN C 645 -101.71 17.95 15.22
C GLN C 645 -100.82 17.17 14.27
N LEU C 646 -99.98 17.89 13.54
CA LEU C 646 -99.04 17.33 12.59
C LEU C 646 -97.74 18.12 12.75
N GLY C 647 -96.81 17.95 11.82
CA GLY C 647 -95.54 18.67 11.88
C GLY C 647 -94.52 17.84 12.62
N ARG C 648 -93.85 18.47 13.59
CA ARG C 648 -92.87 17.85 14.48
C ARG C 648 -91.70 17.24 13.70
N ALA C 649 -91.10 18.07 12.85
CA ALA C 649 -89.91 17.62 12.12
C ALA C 649 -88.70 17.49 13.03
N ASP C 650 -88.59 18.36 14.04
CA ASP C 650 -87.44 18.39 14.93
C ASP C 650 -87.89 17.97 16.33
N VAL C 651 -87.75 16.69 16.61
CA VAL C 651 -87.82 16.17 17.97
C VAL C 651 -86.38 16.06 18.45
N THR C 652 -86.19 15.93 19.76
CA THR C 652 -84.85 15.76 20.31
C THR C 652 -84.21 14.46 19.81
N THR C 653 -82.96 14.57 19.38
CA THR C 653 -82.29 13.49 18.66
C THR C 653 -81.09 12.99 19.46
N VAL C 654 -80.90 11.67 19.43
CA VAL C 654 -79.73 11.03 20.02
C VAL C 654 -79.11 10.15 18.95
N SER C 655 -77.79 10.03 19.00
CA SER C 655 -77.03 9.35 17.95
C SER C 655 -76.76 7.92 18.36
N THR C 656 -77.15 6.98 17.50
CA THR C 656 -76.74 5.59 17.61
C THR C 656 -75.45 5.32 16.83
N PHE C 657 -74.72 6.37 16.47
CA PHE C 657 -73.56 6.28 15.60
C PHE C 657 -72.29 6.60 16.40
N ILE C 658 -71.21 5.91 16.08
CA ILE C 658 -69.90 6.16 16.69
C ILE C 658 -69.07 6.95 15.69
N ASN C 659 -68.54 8.09 16.13
CA ASN C 659 -67.85 9.01 15.25
C ASN C 659 -66.41 8.54 14.99
N LEU C 660 -65.89 8.95 13.84
CA LEU C 660 -64.53 8.64 13.43
C LEU C 660 -64.10 9.72 12.45
N ASN C 661 -63.20 10.59 12.87
CA ASN C 661 -62.81 11.77 12.10
C ASN C 661 -61.38 11.57 11.61
N LEU C 662 -61.23 11.10 10.37
CA LEU C 662 -59.93 10.93 9.75
C LEU C 662 -59.67 12.08 8.78
N THR C 663 -58.47 12.63 8.83
CA THR C 663 -58.07 13.73 7.97
C THR C 663 -56.97 13.29 7.02
N MET C 664 -56.78 14.07 5.98
CA MET C 664 -55.81 13.76 4.93
C MET C 664 -54.45 14.35 5.28
N LEU C 665 -53.41 13.69 4.80
CA LEU C 665 -52.06 14.23 4.89
C LEU C 665 -51.92 15.34 3.84
N GLU C 666 -51.60 16.55 4.29
CA GLU C 666 -51.54 17.69 3.40
C GLU C 666 -50.34 17.62 2.48
N ASP C 667 -50.45 18.32 1.34
CA ASP C 667 -49.39 18.32 0.35
C ASP C 667 -48.22 19.19 0.81
N HIS C 668 -47.03 18.61 0.84
CA HIS C 668 -45.83 19.33 1.24
C HIS C 668 -44.91 19.49 0.05
N GLU C 669 -44.20 20.62 0.00
CA GLU C 669 -43.29 20.93 -1.09
C GLU C 669 -41.86 20.98 -0.56
N PHE C 670 -40.97 20.26 -1.22
CA PHE C 670 -39.55 20.21 -0.85
C PHE C 670 -38.77 21.13 -1.77
N VAL C 671 -38.10 22.12 -1.20
CA VAL C 671 -37.32 23.09 -1.97
C VAL C 671 -35.92 22.54 -2.15
N PRO C 672 -35.15 22.97 -3.15
CA PRO C 672 -33.73 22.65 -3.18
C PRO C 672 -33.00 23.33 -2.04
N LEU C 673 -32.10 22.58 -1.39
CA LEU C 673 -31.38 23.08 -0.23
C LEU C 673 -30.00 22.47 -0.21
N GLU C 674 -28.97 23.31 -0.25
CA GLU C 674 -27.60 22.86 -0.13
C GLU C 674 -26.89 23.69 0.94
N VAL C 675 -26.00 23.03 1.68
CA VAL C 675 -25.26 23.74 2.72
C VAL C 675 -24.13 24.56 2.10
N TYR C 676 -23.43 24.02 1.10
CA TYR C 676 -22.43 24.74 0.34
C TYR C 676 -22.63 24.39 -1.12
N THR C 677 -22.68 25.40 -1.99
CA THR C 677 -22.86 25.13 -3.39
C THR C 677 -21.51 24.85 -4.05
N ARG C 678 -21.55 24.48 -5.33
CA ARG C 678 -20.32 24.17 -6.06
C ARG C 678 -19.46 25.41 -6.27
N GLN C 679 -20.07 26.58 -6.34
CA GLN C 679 -19.30 27.81 -6.45
C GLN C 679 -18.60 28.15 -5.15
N GLU C 680 -19.22 27.83 -4.01
CA GLU C 680 -18.61 28.12 -2.72
C GLU C 680 -17.45 27.19 -2.42
N ILE C 681 -17.49 25.96 -2.92
CA ILE C 681 -16.41 25.02 -2.66
C ILE C 681 -15.20 25.32 -3.55
N LYS C 682 -15.43 25.89 -4.74
CA LYS C 682 -14.31 26.22 -5.62
C LYS C 682 -13.47 27.38 -5.08
N ASP C 683 -14.12 28.44 -4.57
CA ASP C 683 -13.36 29.57 -4.06
C ASP C 683 -13.05 29.46 -2.57
N SER C 684 -13.13 28.26 -2.01
CA SER C 684 -12.74 28.07 -0.60
C SER C 684 -11.24 28.13 -0.43
N GLY C 685 -10.48 27.68 -1.42
CA GLY C 685 -9.03 27.76 -1.35
C GLY C 685 -8.52 29.16 -1.61
N LEU C 686 -7.25 29.37 -1.25
CA LEU C 686 -6.65 30.69 -1.44
C LEU C 686 -6.30 30.96 -2.90
N LEU C 687 -5.61 30.04 -3.55
CA LEU C 687 -5.11 30.25 -4.89
C LEU C 687 -5.72 29.25 -5.86
N ASP C 688 -6.32 29.77 -6.91
CA ASP C 688 -6.75 28.96 -8.05
C ASP C 688 -5.63 28.94 -9.07
N TYR C 689 -5.16 27.73 -9.43
CA TYR C 689 -4.05 27.60 -10.34
C TYR C 689 -4.41 28.07 -11.75
N THR C 690 -5.65 27.85 -12.18
CA THR C 690 -6.08 28.33 -13.49
C THR C 690 -6.15 29.85 -13.52
N GLU C 691 -6.64 30.47 -12.45
CA GLU C 691 -6.78 31.92 -12.43
C GLU C 691 -5.43 32.62 -12.29
N VAL C 692 -4.45 31.98 -11.65
CA VAL C 692 -3.17 32.64 -11.52
C VAL C 692 -2.34 32.47 -12.79
N GLN C 693 -2.50 31.35 -13.50
CA GLN C 693 -1.77 31.18 -14.75
C GLN C 693 -2.36 32.00 -15.88
N ARG C 694 -3.67 32.29 -15.85
CA ARG C 694 -4.22 33.14 -16.89
C ARG C 694 -3.81 34.59 -16.68
N ARG C 695 -3.65 35.02 -15.44
CA ARG C 695 -3.24 36.39 -15.18
C ARG C 695 -1.76 36.59 -15.48
N ASN C 696 -0.92 35.61 -15.12
CA ASN C 696 0.52 35.76 -15.33
C ASN C 696 0.92 35.59 -16.79
N GLN C 697 0.22 34.77 -17.56
CA GLN C 697 0.56 34.64 -18.97
C GLN C 697 0.04 35.78 -19.82
N LEU C 698 -0.80 36.64 -19.26
CA LEU C 698 -1.22 37.88 -19.92
C LEU C 698 -0.32 39.06 -19.60
N HIS C 699 0.81 38.83 -18.90
CA HIS C 699 1.69 39.91 -18.48
C HIS C 699 2.37 40.57 -19.67
N ALA C 700 2.78 39.79 -20.66
CA ALA C 700 3.41 40.34 -21.85
C ALA C 700 2.42 41.09 -22.73
N LEU C 701 1.17 40.62 -22.78
CA LEU C 701 0.16 41.26 -23.60
C LEU C 701 -0.36 42.55 -22.98
N ARG C 702 -0.13 42.78 -21.69
CA ARG C 702 -0.63 43.95 -21.00
C ARG C 702 0.44 45.01 -20.76
N PHE C 703 1.71 44.64 -20.66
CA PHE C 703 2.74 45.57 -20.29
C PHE C 703 3.89 45.65 -21.30
N ALA C 704 3.84 44.89 -22.38
CA ALA C 704 4.93 44.90 -23.35
C ALA C 704 4.39 45.01 -24.77
N ASP C 705 5.27 44.85 -25.75
CA ASP C 705 4.90 44.90 -27.16
C ASP C 705 5.54 43.68 -27.81
N ILE C 706 4.74 42.67 -28.10
CA ILE C 706 5.26 41.39 -28.59
C ILE C 706 5.30 41.40 -30.11
N ASP C 707 5.11 42.57 -30.73
CA ASP C 707 5.00 42.68 -32.17
C ASP C 707 6.17 43.42 -32.81
N THR C 708 6.54 44.58 -32.30
CA THR C 708 7.48 45.44 -32.99
C THR C 708 8.92 44.99 -32.79
N VAL C 709 9.73 45.13 -33.84
CA VAL C 709 11.15 44.83 -33.78
C VAL C 709 11.93 46.14 -33.78
N ILE C 710 13.15 46.08 -33.23
CA ILE C 710 14.08 47.20 -33.06
C ILE C 710 13.48 48.37 -32.28
#